data_7CB3
#
_entry.id   7CB3
#
_cell.length_a   131.407
_cell.length_b   131.407
_cell.length_c   187.187
_cell.angle_alpha   90.00
_cell.angle_beta   90.00
_cell.angle_gamma   120.00
#
_symmetry.space_group_name_H-M   'H 3'
#
loop_
_entity.id
_entity.type
_entity.pdbx_description
1 polymer 'Chalcone/stilbene synthase'
2 non-polymer 'MYRISTIC ACID'
3 non-polymer 'TRIETHYLENE GLYCOL'
4 non-polymer 'ACETATE ION'
5 water water
#
_entity_poly.entity_id   1
_entity_poly.type   'polypeptide(L)'
_entity_poly.pdbx_seq_one_letter_code
;MSTAAEGGAIRRAGHEPRYDLAQLPPAPPTTVAVIEGMATGAPQRVVAQADAAARVSELFVDPQQRERISRIYDKTRIDT
RRMAVDPLDDEFDEFRREPATIRDRMNLFYQHAVPLAVDVAARALDGLPYAPDEIGQLVFVTSTGFIAPGVDVEIVKQLG
LPRSISRVVVNFMG(MCS)AAAMNAIRTATNYVRAHPSMKALVVCIELSSVNAVFADDINDVVIHSLFGDGCGALVIGAS
QVQQPLPAGNVVIRSSFSQLLDDSEDGIVLGVNHDGITCELSENLPSYIYRSVDPVVAEMLRDNGLSKADIDLWAIHPGG
PKIIEQSARSLGIPVGRAVQSWDVLAQFGNMLSVSLIFVLEMMVAQAESDKPISTGVAFAFAPGVTVEGMLFDIIRRGNS
SSVDKLAAALEHHHHHH
;
_entity_poly.pdbx_strand_id   A,B
#
loop_
_chem_comp.id
_chem_comp.type
_chem_comp.name
_chem_comp.formula
ACT non-polymer 'ACETATE ION' 'C2 H3 O2 -1'
MYR non-polymer 'MYRISTIC ACID' 'C14 H28 O2'
PGE non-polymer 'TRIETHYLENE GLYCOL' 'C6 H14 O4'
#
# COMPACT_ATOMS: atom_id res chain seq x y z
N THR A 30 -8.54 27.29 5.59
CA THR A 30 -7.28 28.11 5.56
C THR A 30 -6.50 27.93 4.27
N THR A 31 -6.48 26.71 3.73
CA THR A 31 -5.48 26.31 2.74
C THR A 31 -6.05 25.31 1.71
N VAL A 32 -5.30 25.03 0.65
CA VAL A 32 -5.72 24.06 -0.38
C VAL A 32 -4.51 23.55 -1.18
N ALA A 33 -4.59 22.31 -1.69
CA ALA A 33 -3.43 21.63 -2.31
C ALA A 33 -3.26 21.99 -3.78
N VAL A 34 -2.04 21.78 -4.31
CA VAL A 34 -1.67 22.16 -5.68
C VAL A 34 -0.58 21.27 -6.29
N ILE A 35 -0.73 20.86 -7.54
CA ILE A 35 0.35 20.17 -8.30
C ILE A 35 1.34 21.18 -8.90
N GLU A 36 2.55 21.21 -8.36
CA GLU A 36 3.60 22.17 -8.77
C GLU A 36 4.56 21.63 -9.83
N GLY A 37 4.69 20.32 -9.94
CA GLY A 37 5.52 19.72 -10.98
C GLY A 37 4.86 18.43 -11.37
N MET A 38 5.29 17.84 -12.49
CA MET A 38 4.63 16.66 -13.05
C MET A 38 5.48 16.06 -14.16
N ALA A 39 5.37 14.77 -14.43
CA ALA A 39 6.19 14.14 -15.47
C ALA A 39 5.73 12.76 -15.77
N THR A 40 6.10 12.28 -16.94
CA THR A 40 5.69 10.95 -17.39
C THR A 40 6.86 10.27 -18.01
N GLY A 41 6.78 8.95 -18.12
CA GLY A 41 7.78 8.17 -18.83
C GLY A 41 7.27 6.78 -19.14
N ALA A 42 8.08 5.98 -19.81
CA ALA A 42 7.66 4.63 -20.18
C ALA A 42 8.84 3.86 -20.74
N PRO A 43 8.74 2.53 -20.78
CA PRO A 43 9.77 1.76 -21.46
C PRO A 43 10.01 2.23 -22.90
N GLN A 44 11.26 2.31 -23.32
CA GLN A 44 11.57 2.72 -24.70
C GLN A 44 10.82 1.90 -25.76
N ARG A 45 10.74 0.59 -25.57
CA ARG A 45 10.23 -0.31 -26.57
C ARG A 45 8.76 -0.04 -26.86
N VAL A 46 8.49 0.41 -28.09
CA VAL A 46 7.12 0.56 -28.61
C VAL A 46 6.68 -0.77 -29.20
N VAL A 47 5.49 -1.25 -28.87
CA VAL A 47 4.95 -2.49 -29.48
C VAL A 47 3.67 -2.19 -30.23
N ALA A 48 3.71 -2.35 -31.54
CA ALA A 48 2.54 -2.09 -32.39
C ALA A 48 1.52 -3.17 -32.13
N GLN A 49 0.29 -2.75 -31.96
CA GLN A 49 -0.79 -3.66 -31.69
C GLN A 49 -1.02 -4.65 -32.83
N ALA A 50 -0.80 -4.20 -34.06
CA ALA A 50 -0.86 -5.08 -35.24
C ALA A 50 0.07 -6.29 -35.13
N ASP A 51 1.26 -6.06 -34.59
CA ASP A 51 2.25 -7.11 -34.42
C ASP A 51 1.84 -8.00 -33.27
N ALA A 52 1.55 -7.38 -32.13
CA ALA A 52 1.12 -8.11 -30.94
C ALA A 52 -0.03 -9.04 -31.29
N ALA A 53 -1.02 -8.51 -32.00
CA ALA A 53 -2.18 -9.28 -32.47
C ALA A 53 -1.81 -10.42 -33.40
N ALA A 54 -0.93 -10.12 -34.35
CA ALA A 54 -0.37 -11.11 -35.26
C ALA A 54 0.40 -12.18 -34.48
N ARG A 55 1.28 -11.75 -33.57
CA ARG A 55 2.06 -12.68 -32.74
C ARG A 55 1.16 -13.58 -31.88
N VAL A 56 0.11 -13.00 -31.29
CA VAL A 56 -0.81 -13.78 -30.45
C VAL A 56 -1.68 -14.70 -31.32
N SER A 57 -2.15 -14.21 -32.46
CA SER A 57 -2.99 -15.01 -33.42
C SER A 57 -2.28 -16.27 -33.91
N GLU A 58 -0.98 -16.16 -34.21
CA GLU A 58 -0.14 -17.31 -34.53
C GLU A 58 -0.39 -18.48 -33.57
N LEU A 59 -0.40 -18.17 -32.27
CA LEU A 59 -0.53 -19.18 -31.21
C LEU A 59 -1.79 -20.06 -31.29
N PHE A 60 -2.96 -19.48 -31.59
CA PHE A 60 -4.20 -20.26 -31.80
C PHE A 60 -4.23 -20.71 -33.27
N VAL A 61 -4.66 -21.95 -33.54
CA VAL A 61 -4.66 -22.48 -34.91
C VAL A 61 -6.03 -23.02 -35.35
N ASP A 62 -7.11 -22.31 -34.98
CA ASP A 62 -8.47 -22.75 -35.24
C ASP A 62 -9.15 -21.71 -36.11
N PRO A 63 -10.17 -22.13 -36.88
CA PRO A 63 -10.88 -21.16 -37.71
C PRO A 63 -11.58 -20.13 -36.83
N GLN A 64 -12.38 -20.60 -35.87
CA GLN A 64 -13.05 -19.73 -34.90
C GLN A 64 -12.03 -19.03 -33.98
N GLN A 65 -11.10 -19.81 -33.42
CA GLN A 65 -10.13 -19.31 -32.44
C GLN A 65 -9.28 -18.16 -32.99
N ARG A 66 -8.51 -18.42 -34.06
CA ARG A 66 -7.66 -17.40 -34.68
C ARG A 66 -8.43 -16.13 -35.09
N GLU A 67 -9.65 -16.35 -35.62
CA GLU A 67 -10.57 -15.25 -35.96
C GLU A 67 -10.96 -14.42 -34.74
N ARG A 68 -11.45 -15.09 -33.69
CA ARG A 68 -11.89 -14.44 -32.46
C ARG A 68 -10.82 -13.48 -31.93
N ILE A 69 -9.56 -13.94 -31.94
CA ILE A 69 -8.44 -13.16 -31.43
C ILE A 69 -8.20 -11.89 -32.27
N SER A 70 -8.19 -12.02 -33.60
CA SER A 70 -8.01 -10.86 -34.50
C SER A 70 -9.03 -9.78 -34.17
N ARG A 71 -10.29 -10.19 -34.05
CA ARG A 71 -11.42 -9.33 -33.67
C ARG A 71 -11.20 -8.59 -32.34
N ILE A 72 -10.76 -9.32 -31.30
CA ILE A 72 -10.47 -8.73 -29.98
C ILE A 72 -9.45 -7.60 -30.05
N TYR A 73 -8.33 -7.86 -30.72
CA TYR A 73 -7.28 -6.84 -30.80
C TYR A 73 -7.75 -5.63 -31.58
N ASP A 74 -8.51 -5.87 -32.65
CA ASP A 74 -9.11 -4.78 -33.41
C ASP A 74 -9.94 -3.84 -32.56
N LYS A 75 -10.77 -4.42 -31.67
CA LYS A 75 -11.70 -3.64 -30.87
C LYS A 75 -11.02 -2.79 -29.80
N THR A 76 -9.72 -2.98 -29.56
CA THR A 76 -9.07 -2.32 -28.41
C THR A 76 -8.87 -0.82 -28.52
N ARG A 77 -8.87 -0.28 -29.73
CA ARG A 77 -8.54 1.13 -29.98
C ARG A 77 -7.13 1.51 -29.47
N ILE A 78 -6.22 0.54 -29.53
CA ILE A 78 -4.83 0.72 -29.18
C ILE A 78 -3.96 0.53 -30.43
N ASP A 79 -3.14 1.54 -30.72
CA ASP A 79 -2.13 1.44 -31.77
C ASP A 79 -0.81 0.89 -31.21
N THR A 80 -0.41 1.41 -30.06
CA THR A 80 0.88 1.06 -29.48
C THR A 80 0.81 0.92 -27.98
N ARG A 81 1.75 0.14 -27.44
CA ARG A 81 2.00 0.12 -26.02
C ARG A 81 3.51 0.07 -25.80
N ARG A 82 3.95 0.66 -24.69
CA ARG A 82 5.32 0.61 -24.24
C ARG A 82 5.47 -0.56 -23.32
N MET A 83 6.51 -1.34 -23.54
CA MET A 83 6.69 -2.57 -22.81
C MET A 83 8.13 -2.74 -22.47
N ALA A 84 8.40 -2.92 -21.17
CA ALA A 84 9.76 -3.09 -20.65
C ALA A 84 10.33 -4.45 -20.95
N VAL A 85 9.46 -5.45 -21.10
CA VAL A 85 9.86 -6.76 -21.57
C VAL A 85 9.36 -6.92 -23.00
N ASP A 86 10.17 -7.64 -23.78
CA ASP A 86 9.90 -7.91 -25.18
C ASP A 86 9.00 -9.14 -25.32
N PRO A 87 7.94 -9.04 -26.13
CA PRO A 87 7.27 -10.26 -26.63
C PRO A 87 7.95 -10.89 -27.84
N LEU A 88 8.97 -10.21 -28.41
CA LEU A 88 9.76 -10.75 -29.52
C LEU A 88 10.72 -11.87 -29.14
N ASP A 89 11.43 -11.76 -28.02
CA ASP A 89 12.53 -12.70 -27.76
C ASP A 89 12.04 -14.12 -27.44
N ASP A 90 12.59 -15.11 -28.14
CA ASP A 90 12.29 -16.52 -27.89
C ASP A 90 12.72 -16.93 -26.48
N GLU A 91 13.82 -16.34 -25.99
CA GLU A 91 14.30 -16.58 -24.61
C GLU A 91 13.27 -16.14 -23.56
N PHE A 92 12.65 -14.97 -23.76
CA PHE A 92 11.53 -14.52 -22.90
C PHE A 92 10.27 -15.40 -23.10
N ASP A 93 10.06 -15.87 -24.33
CA ASP A 93 8.93 -16.77 -24.67
C ASP A 93 8.86 -18.01 -23.76
N GLU A 94 9.97 -18.74 -23.65
CA GLU A 94 10.03 -19.97 -22.84
C GLU A 94 9.85 -19.73 -21.35
N PHE A 95 10.36 -18.60 -20.85
CA PHE A 95 10.17 -18.19 -19.46
C PHE A 95 8.70 -17.93 -19.17
N ARG A 96 8.02 -17.18 -20.05
CA ARG A 96 6.56 -16.90 -19.93
C ARG A 96 5.72 -18.18 -19.84
N ARG A 97 6.18 -19.23 -20.51
CA ARG A 97 5.53 -20.53 -20.43
C ARG A 97 5.66 -21.15 -19.03
N GLU A 98 6.83 -21.00 -18.39
CA GLU A 98 7.12 -21.73 -17.13
C GLU A 98 6.20 -21.39 -15.96
N PRO A 99 5.88 -22.40 -15.13
CA PRO A 99 5.11 -22.17 -13.92
C PRO A 99 6.02 -21.66 -12.80
N ALA A 100 5.42 -21.12 -11.74
CA ALA A 100 6.10 -20.82 -10.48
C ALA A 100 7.19 -19.71 -10.54
N THR A 101 7.09 -18.85 -11.54
CA THR A 101 8.10 -17.84 -11.78
C THR A 101 7.79 -16.51 -11.09
N ILE A 102 6.76 -16.47 -10.25
CA ILE A 102 6.26 -15.22 -9.67
C ILE A 102 7.38 -14.36 -9.10
N ARG A 103 8.28 -14.98 -8.31
CA ARG A 103 9.34 -14.23 -7.66
C ARG A 103 10.29 -13.58 -8.67
N ASP A 104 10.73 -14.34 -9.68
CA ASP A 104 11.55 -13.74 -10.75
C ASP A 104 10.86 -12.55 -11.42
N ARG A 105 9.55 -12.61 -11.58
CA ARG A 105 8.83 -11.50 -12.20
C ARG A 105 8.83 -10.25 -11.30
N MET A 106 8.70 -10.49 -10.01
CA MET A 106 8.77 -9.41 -9.05
C MET A 106 10.16 -8.77 -9.08
N ASN A 107 11.21 -9.58 -9.09
CA ASN A 107 12.56 -9.02 -9.27
C ASN A 107 12.71 -8.31 -10.61
N LEU A 108 12.03 -8.82 -11.61
CA LEU A 108 12.07 -8.21 -12.92
C LEU A 108 11.34 -6.86 -12.91
N PHE A 109 10.22 -6.78 -12.19
CA PHE A 109 9.56 -5.49 -11.96
C PHE A 109 10.55 -4.49 -11.42
N TYR A 110 11.31 -4.91 -10.42
CA TYR A 110 12.31 -4.08 -9.77
C TYR A 110 13.42 -3.65 -10.72
N GLN A 111 13.93 -4.62 -11.47
CA GLN A 111 15.07 -4.43 -12.36
C GLN A 111 14.74 -3.33 -13.39
N HIS A 112 13.52 -3.37 -13.92
CA HIS A 112 13.07 -2.37 -14.88
C HIS A 112 12.48 -1.10 -14.29
N ALA A 113 11.89 -1.18 -13.10
CA ALA A 113 11.16 -0.03 -12.54
C ALA A 113 12.05 1.05 -11.95
N VAL A 114 13.17 0.65 -11.35
CA VAL A 114 14.00 1.59 -10.62
C VAL A 114 14.47 2.74 -11.50
N PRO A 115 15.11 2.42 -12.64
CA PRO A 115 15.60 3.54 -13.48
C PRO A 115 14.47 4.42 -14.00
N LEU A 116 13.42 3.80 -14.54
CA LEU A 116 12.25 4.53 -14.99
C LEU A 116 11.69 5.46 -13.92
N ALA A 117 11.47 4.89 -12.74
CA ALA A 117 10.83 5.63 -11.69
C ALA A 117 11.74 6.72 -11.16
N VAL A 118 13.04 6.44 -11.10
CA VAL A 118 14.01 7.44 -10.67
C VAL A 118 14.03 8.58 -11.68
N ASP A 119 14.19 8.22 -12.94
CA ASP A 119 14.16 9.21 -14.00
C ASP A 119 12.87 10.09 -13.94
N VAL A 120 11.69 9.47 -13.89
CA VAL A 120 10.48 10.27 -13.97
C VAL A 120 10.28 11.14 -12.73
N ALA A 121 10.63 10.61 -11.55
CA ALA A 121 10.55 11.37 -10.30
C ALA A 121 11.46 12.60 -10.34
N ALA A 122 12.68 12.39 -10.83
CA ALA A 122 13.60 13.47 -11.05
C ALA A 122 12.98 14.53 -11.98
N ARG A 123 12.45 14.10 -13.11
CA ARG A 123 11.95 15.08 -14.07
C ARG A 123 10.79 15.92 -13.51
N ALA A 124 9.96 15.29 -12.67
CA ALA A 124 8.91 15.98 -11.95
C ALA A 124 9.47 17.02 -11.01
N LEU A 125 10.59 16.71 -10.37
CA LEU A 125 11.24 17.68 -9.50
C LEU A 125 12.05 18.75 -10.23
N ASP A 126 12.64 18.40 -11.37
CA ASP A 126 13.50 19.36 -12.11
C ASP A 126 12.71 20.52 -12.64
N GLY A 127 13.38 21.66 -12.70
CA GLY A 127 12.70 22.94 -12.95
C GLY A 127 11.82 23.33 -11.77
N LEU A 128 12.21 22.95 -10.55
CA LEU A 128 11.62 23.48 -9.36
C LEU A 128 12.65 24.10 -8.44
N PRO A 129 12.26 25.15 -7.70
CA PRO A 129 13.08 25.87 -6.73
C PRO A 129 13.45 25.15 -5.42
N TYR A 130 12.73 24.10 -5.05
CA TYR A 130 12.77 23.54 -3.68
C TYR A 130 14.04 22.77 -3.37
N ALA A 131 14.45 22.82 -2.11
CA ALA A 131 15.51 21.96 -1.64
C ALA A 131 14.90 20.58 -1.38
N PRO A 132 15.73 19.52 -1.42
CA PRO A 132 15.28 18.19 -1.01
C PRO A 132 14.71 18.13 0.41
N ASP A 133 15.24 18.95 1.31
CA ASP A 133 14.71 19.09 2.68
C ASP A 133 13.25 19.44 2.71
N GLU A 134 12.76 20.04 1.63
CA GLU A 134 11.34 20.37 1.47
C GLU A 134 10.45 19.17 1.10
N ILE A 135 11.02 18.09 0.57
CA ILE A 135 10.25 16.93 0.16
C ILE A 135 10.06 15.97 1.35
N GLY A 136 8.90 16.05 2.00
CA GLY A 136 8.62 15.29 3.20
C GLY A 136 7.77 14.04 3.06
N GLN A 137 7.14 13.83 1.90
CA GLN A 137 6.44 12.57 1.63
C GLN A 137 6.68 12.00 0.26
N LEU A 138 6.84 10.69 0.20
CA LEU A 138 6.86 9.95 -1.02
C LEU A 138 5.76 8.91 -0.92
N VAL A 139 4.75 9.02 -1.79
CA VAL A 139 3.72 8.01 -1.88
C VAL A 139 4.00 7.25 -3.13
N PHE A 140 4.32 5.98 -2.99
CA PHE A 140 4.71 5.16 -4.12
C PHE A 140 3.55 4.29 -4.42
N VAL A 141 3.27 4.05 -5.69
CA VAL A 141 2.05 3.37 -6.14
C VAL A 141 2.33 2.36 -7.30
N THR A 142 1.75 1.17 -7.17
CA THR A 142 1.81 0.15 -8.22
C THR A 142 0.87 -0.98 -7.84
N SER A 143 0.40 -1.70 -8.83
CA SER A 143 -0.35 -2.93 -8.60
C SER A 143 0.25 -4.08 -9.43
N THR A 144 1.48 -3.89 -9.91
CA THR A 144 2.11 -4.81 -10.91
C THR A 144 3.45 -5.37 -10.47
N GLY A 145 3.91 -5.03 -9.26
CA GLY A 145 5.07 -5.70 -8.63
C GLY A 145 5.07 -5.60 -7.12
N PHE A 146 5.58 -6.62 -6.46
CA PHE A 146 5.68 -6.65 -4.99
C PHE A 146 7.03 -7.08 -4.54
N ILE A 147 7.75 -6.20 -3.88
CA ILE A 147 9.12 -6.47 -3.45
C ILE A 147 9.52 -5.41 -2.45
N ALA A 148 10.31 -5.81 -1.45
CA ALA A 148 10.78 -4.91 -0.40
C ALA A 148 12.16 -5.37 0.04
N PRO A 149 13.14 -4.46 0.17
CA PRO A 149 12.99 -3.03 -0.10
C PRO A 149 12.79 -2.79 -1.58
N GLY A 150 11.90 -1.87 -1.92
CA GLY A 150 11.43 -1.71 -3.26
C GLY A 150 11.92 -0.44 -3.89
N VAL A 151 11.15 0.05 -4.87
CA VAL A 151 11.56 1.11 -5.72
C VAL A 151 11.57 2.44 -4.96
N ASP A 152 10.63 2.60 -4.06
CA ASP A 152 10.54 3.82 -3.26
C ASP A 152 11.86 4.14 -2.56
N VAL A 153 12.57 3.13 -2.04
CA VAL A 153 13.80 3.39 -1.32
C VAL A 153 14.81 3.98 -2.31
N GLU A 154 14.85 3.41 -3.52
CA GLU A 154 15.78 3.85 -4.57
C GLU A 154 15.50 5.21 -5.06
N ILE A 155 14.26 5.62 -5.04
CA ILE A 155 13.93 7.00 -5.36
C ILE A 155 14.62 7.90 -4.34
N VAL A 156 14.48 7.63 -3.06
CA VAL A 156 15.06 8.56 -2.07
C VAL A 156 16.61 8.52 -2.07
N LYS A 157 17.18 7.37 -2.41
CA LYS A 157 18.64 7.24 -2.42
C LYS A 157 19.19 7.92 -3.65
N GLN A 158 18.72 7.51 -4.83
CA GLN A 158 19.25 8.06 -6.06
C GLN A 158 18.89 9.53 -6.23
N LEU A 159 17.70 9.95 -5.81
CA LEU A 159 17.37 11.38 -5.88
C LEU A 159 17.98 12.18 -4.74
N GLY A 160 18.48 11.53 -3.70
CA GLY A 160 19.09 12.24 -2.57
C GLY A 160 18.08 12.99 -1.72
N LEU A 161 16.90 12.40 -1.60
CA LEU A 161 15.85 12.95 -0.75
C LEU A 161 16.15 12.68 0.72
N PRO A 162 15.52 13.46 1.60
CA PRO A 162 15.88 13.29 3.02
C PRO A 162 15.57 11.86 3.48
N ARG A 163 16.46 11.28 4.25
CA ARG A 163 16.23 9.92 4.74
C ARG A 163 15.11 9.84 5.78
N SER A 164 14.80 10.98 6.39
CA SER A 164 13.65 11.13 7.25
C SER A 164 12.34 11.32 6.51
N ILE A 165 12.34 11.13 5.19
CA ILE A 165 11.10 11.22 4.42
C ILE A 165 10.12 10.13 4.82
N SER A 166 8.85 10.53 4.87
CA SER A 166 7.71 9.70 5.15
C SER A 166 7.37 8.98 3.91
N ARG A 167 7.16 7.68 4.02
CA ARG A 167 6.78 6.87 2.90
C ARG A 167 5.52 6.08 3.21
N VAL A 168 4.81 5.85 2.10
CA VAL A 168 3.61 5.06 2.03
C VAL A 168 3.66 4.34 0.72
N VAL A 169 3.53 3.03 0.73
CA VAL A 169 3.52 2.23 -0.48
C VAL A 169 2.09 1.77 -0.62
N VAL A 170 1.47 2.03 -1.75
CA VAL A 170 0.08 1.77 -1.97
C VAL A 170 -0.01 0.72 -3.06
N ASN A 171 -0.62 -0.41 -2.77
CA ASN A 171 -0.61 -1.53 -3.70
C ASN A 171 -1.98 -2.09 -3.88
N PHE A 172 -2.19 -2.66 -5.05
CA PHE A 172 -3.46 -3.29 -5.38
C PHE A 172 -4.71 -2.38 -5.27
N MET A 173 -4.52 -1.07 -5.38
CA MET A 173 -5.66 -0.16 -5.48
C MET A 173 -5.97 0.20 -6.95
N GLY A 174 -5.29 -0.49 -7.87
CA GLY A 174 -5.73 -0.62 -9.26
C GLY A 174 -5.54 0.64 -10.11
O MCS A 175 -6.04 4.22 -12.01
C MCS A 175 -6.53 3.20 -11.48
CA MCS A 175 -6.32 1.86 -12.10
N MCS A 175 -6.37 0.75 -11.15
CB MCS A 175 -7.39 1.67 -13.17
SAI MCS A 175 -6.75 0.34 -14.06
CAK MCS A 175 -7.83 -0.78 -14.48
OAC MCS A 175 -7.93 -1.78 -13.73
CAG MCS A 175 -8.56 -0.53 -15.78
CAJ MCS A 175 -10.07 -0.58 -15.67
OAE MCS A 175 -10.60 -1.61 -16.18
OAB MCS A 175 -10.67 0.38 -15.09
N ALA A 176 -7.22 3.22 -10.32
CA ALA A 176 -7.63 4.49 -9.73
C ALA A 176 -6.70 4.94 -8.65
N ALA A 177 -5.61 4.19 -8.43
CA ALA A 177 -4.71 4.38 -7.30
C ALA A 177 -4.04 5.75 -7.23
N ALA A 178 -3.85 6.41 -8.36
CA ALA A 178 -3.34 7.78 -8.36
C ALA A 178 -4.27 8.78 -7.65
N MET A 179 -5.58 8.52 -7.62
CA MET A 179 -6.52 9.38 -6.89
C MET A 179 -6.34 9.18 -5.41
N ASN A 180 -6.18 7.91 -4.99
CA ASN A 180 -5.95 7.56 -3.59
C ASN A 180 -4.63 8.18 -3.11
N ALA A 181 -3.60 8.11 -3.98
CA ALA A 181 -2.29 8.72 -3.72
C ALA A 181 -2.32 10.24 -3.65
N ILE A 182 -2.96 10.88 -4.62
CA ILE A 182 -3.16 12.33 -4.58
C ILE A 182 -3.88 12.76 -3.32
N ARG A 183 -4.88 12.02 -2.91
CA ARG A 183 -5.65 12.34 -1.74
C ARG A 183 -4.77 12.30 -0.57
N THR A 184 -3.97 11.27 -0.48
CA THR A 184 -3.04 11.09 0.62
C THR A 184 -2.01 12.23 0.73
N ALA A 185 -1.44 12.60 -0.41
CA ALA A 185 -0.49 13.71 -0.49
C ALA A 185 -1.15 15.04 -0.12
N THR A 186 -2.41 15.21 -0.54
CA THR A 186 -3.20 16.39 -0.20
C THR A 186 -3.24 16.54 1.32
N ASN A 187 -3.51 15.44 2.02
CA ASN A 187 -3.61 15.45 3.48
C ASN A 187 -2.26 15.79 4.13
N TYR A 188 -1.16 15.35 3.52
CA TYR A 188 0.19 15.66 4.03
C TYR A 188 0.53 17.12 3.99
N VAL A 189 0.43 17.70 2.80
CA VAL A 189 0.86 19.07 2.59
C VAL A 189 -0.06 20.04 3.32
N ARG A 190 -1.33 19.73 3.47
CA ARG A 190 -2.23 20.62 4.22
C ARG A 190 -1.98 20.51 5.71
N ALA A 191 -1.58 19.32 6.16
CA ALA A 191 -1.17 19.13 7.55
C ALA A 191 0.26 19.64 7.83
N HIS A 192 1.10 19.73 6.80
CA HIS A 192 2.44 20.28 6.91
C HIS A 192 2.69 21.24 5.75
N PRO A 193 2.05 22.43 5.80
CA PRO A 193 2.03 23.41 4.70
C PRO A 193 3.38 23.57 4.00
N SER A 194 4.43 23.76 4.79
CA SER A 194 5.78 24.06 4.32
C SER A 194 6.43 22.98 3.47
N MET A 195 6.04 21.73 3.66
CA MET A 195 6.67 20.61 2.97
C MET A 195 5.94 20.28 1.69
N LYS A 196 6.61 19.55 0.80
CA LYS A 196 5.99 19.00 -0.42
C LYS A 196 5.85 17.48 -0.33
N ALA A 197 4.92 16.95 -1.12
CA ALA A 197 4.72 15.50 -1.27
C ALA A 197 5.06 15.10 -2.68
N LEU A 198 5.72 13.98 -2.82
CA LEU A 198 6.11 13.47 -4.12
C LEU A 198 5.32 12.21 -4.35
N VAL A 199 4.57 12.13 -5.44
CA VAL A 199 3.82 10.93 -5.76
C VAL A 199 4.42 10.34 -7.01
N VAL A 200 4.67 9.03 -6.98
CA VAL A 200 5.17 8.32 -8.13
C VAL A 200 4.34 7.05 -8.30
N CYS A 201 3.77 6.92 -9.51
CA CYS A 201 3.05 5.73 -9.92
C CYS A 201 3.87 5.07 -10.99
N ILE A 202 4.01 3.76 -10.93
CA ILE A 202 4.60 3.02 -12.04
C ILE A 202 3.99 1.65 -12.15
N GLU A 203 3.69 1.27 -13.39
CA GLU A 203 3.08 -0.01 -13.68
C GLU A 203 3.77 -0.69 -14.82
N LEU A 204 4.26 -1.92 -14.60
CA LEU A 204 4.86 -2.73 -15.66
C LEU A 204 4.09 -4.01 -15.85
N SER A 205 3.03 -3.91 -16.63
CA SER A 205 2.20 -5.07 -16.92
C SER A 205 3.01 -6.14 -17.60
N SER A 206 3.91 -5.71 -18.49
CA SER A 206 4.65 -6.60 -19.38
C SER A 206 5.38 -7.69 -18.60
N VAL A 207 5.89 -7.29 -17.45
CA VAL A 207 6.49 -8.18 -16.44
C VAL A 207 5.61 -9.36 -16.01
N ASN A 208 4.30 -9.18 -16.05
CA ASN A 208 3.35 -10.18 -15.59
C ASN A 208 2.72 -10.97 -16.70
N ALA A 209 3.30 -10.90 -17.89
CA ALA A 209 2.74 -11.52 -19.09
C ALA A 209 2.90 -13.02 -19.07
N VAL A 210 1.90 -13.71 -19.61
CA VAL A 210 1.83 -15.16 -19.61
C VAL A 210 1.18 -15.66 -20.92
N PHE A 211 0.98 -16.99 -20.97
CA PHE A 211 0.15 -17.64 -21.97
C PHE A 211 -1.27 -17.80 -21.42
N ALA A 212 -2.24 -17.76 -22.31
CA ALA A 212 -3.65 -17.60 -21.92
C ALA A 212 -4.31 -18.89 -21.43
N ASP A 213 -4.52 -18.97 -20.11
CA ASP A 213 -5.34 -20.04 -19.50
C ASP A 213 -6.86 -19.86 -19.84
N ASP A 214 -7.29 -18.66 -20.22
CA ASP A 214 -8.72 -18.39 -20.44
C ASP A 214 -8.98 -17.16 -21.33
N ILE A 215 -10.24 -16.91 -21.64
CA ILE A 215 -10.62 -15.78 -22.49
C ILE A 215 -10.18 -14.47 -21.85
N ASN A 216 -10.40 -14.32 -20.56
CA ASN A 216 -10.01 -13.08 -19.87
C ASN A 216 -8.48 -12.82 -19.96
N ASP A 217 -7.68 -13.88 -19.95
CA ASP A 217 -6.25 -13.72 -20.13
C ASP A 217 -5.97 -13.07 -21.48
N VAL A 218 -6.64 -13.54 -22.53
CA VAL A 218 -6.40 -12.98 -23.87
C VAL A 218 -6.77 -11.49 -23.93
N VAL A 219 -7.89 -11.15 -23.28
CA VAL A 219 -8.41 -9.79 -23.25
C VAL A 219 -7.47 -8.86 -22.49
N ILE A 220 -7.03 -9.32 -21.33
CA ILE A 220 -6.16 -8.55 -20.46
C ILE A 220 -4.87 -8.28 -21.19
N HIS A 221 -4.33 -9.27 -21.85
CA HIS A 221 -3.03 -9.12 -22.48
C HIS A 221 -3.08 -8.22 -23.71
N SER A 222 -4.27 -7.93 -24.23
CA SER A 222 -4.42 -6.98 -25.33
C SER A 222 -4.51 -5.51 -24.92
N LEU A 223 -4.66 -5.24 -23.63
CA LEU A 223 -4.95 -3.87 -23.16
C LEU A 223 -3.83 -3.22 -22.38
N PHE A 224 -3.20 -3.99 -21.48
CA PHE A 224 -2.35 -3.42 -20.45
C PHE A 224 -0.97 -3.17 -21.00
N GLY A 225 -0.46 -1.97 -20.72
CA GLY A 225 0.91 -1.60 -21.05
C GLY A 225 1.69 -1.11 -19.86
N ASP A 226 2.88 -0.57 -20.12
CA ASP A 226 3.80 -0.10 -19.09
C ASP A 226 3.91 1.39 -19.15
N GLY A 227 4.28 1.99 -18.03
CA GLY A 227 4.35 3.45 -17.87
C GLY A 227 4.65 3.82 -16.43
N CYS A 228 4.99 5.10 -16.21
CA CYS A 228 5.15 5.66 -14.87
C CYS A 228 4.82 7.12 -14.98
N GLY A 229 4.45 7.74 -13.89
CA GLY A 229 4.19 9.17 -13.86
C GLY A 229 4.54 9.64 -12.48
N ALA A 230 4.70 10.94 -12.32
CA ALA A 230 5.17 11.49 -11.05
C ALA A 230 4.59 12.85 -10.82
N LEU A 231 4.37 13.21 -9.57
CA LEU A 231 3.76 14.48 -9.26
C LEU A 231 4.36 15.07 -8.02
N VAL A 232 4.62 16.36 -8.04
CA VAL A 232 5.00 17.06 -6.85
C VAL A 232 3.81 17.89 -6.41
N ILE A 233 3.40 17.72 -5.15
CA ILE A 233 2.29 18.45 -4.63
C ILE A 233 2.74 19.36 -3.51
N GLY A 234 2.18 20.56 -3.47
CA GLY A 234 2.49 21.53 -2.42
C GLY A 234 1.24 22.20 -1.93
N ALA A 235 1.35 22.87 -0.78
CA ALA A 235 0.24 23.62 -0.20
C ALA A 235 0.17 25.03 -0.80
N SER A 236 -0.93 25.72 -0.50
CA SER A 236 -1.09 27.12 -0.89
C SER A 236 -2.20 27.79 -0.07
N GLN A 237 -1.94 29.02 0.36
CA GLN A 237 -2.94 29.86 1.00
C GLN A 237 -3.94 30.22 -0.09
N VAL A 238 -5.22 29.92 0.13
CA VAL A 238 -6.26 30.18 -0.90
C VAL A 238 -6.39 31.69 -1.15
N GLN A 239 -6.56 32.06 -2.43
CA GLN A 239 -6.47 33.45 -2.94
C GLN A 239 -5.03 34.00 -3.01
N GLN A 240 -4.06 33.13 -3.29
CA GLN A 240 -2.70 33.52 -3.69
C GLN A 240 -2.68 33.59 -5.22
N PRO A 241 -1.94 34.55 -5.80
CA PRO A 241 -1.68 34.42 -7.25
C PRO A 241 -0.74 33.25 -7.50
N LEU A 242 -1.33 32.10 -7.79
CA LEU A 242 -0.58 30.88 -8.08
C LEU A 242 0.11 30.99 -9.44
N PRO A 243 1.19 30.23 -9.63
CA PRO A 243 1.78 30.05 -10.96
C PRO A 243 0.80 29.53 -12.00
N ALA A 244 1.07 29.86 -13.27
CA ALA A 244 0.35 29.29 -14.39
C ALA A 244 0.87 27.86 -14.62
N GLY A 245 -0.03 26.92 -14.94
CA GLY A 245 0.34 25.51 -15.11
C GLY A 245 0.10 24.66 -13.87
N ASN A 246 0.13 25.31 -12.71
CA ASN A 246 -0.40 24.71 -11.49
C ASN A 246 -1.82 24.14 -11.75
N VAL A 247 -2.08 23.01 -11.11
CA VAL A 247 -3.36 22.32 -11.16
C VAL A 247 -3.84 22.31 -9.73
N VAL A 248 -5.05 22.76 -9.47
CA VAL A 248 -5.50 22.86 -8.07
C VAL A 248 -6.41 21.71 -7.74
N ILE A 249 -6.06 20.95 -6.71
CA ILE A 249 -6.87 19.82 -6.31
C ILE A 249 -8.02 20.46 -5.55
N ARG A 250 -9.14 20.61 -6.24
CA ARG A 250 -10.32 21.20 -5.64
C ARG A 250 -10.87 20.28 -4.58
N SER A 251 -11.23 19.07 -4.99
CA SER A 251 -11.77 18.06 -4.09
C SER A 251 -11.54 16.67 -4.66
N SER A 252 -11.58 15.65 -3.80
CA SER A 252 -11.41 14.27 -4.23
C SER A 252 -12.63 13.51 -3.80
N PHE A 253 -12.91 12.38 -4.43
CA PHE A 253 -14.10 11.65 -4.06
C PHE A 253 -14.02 10.17 -4.34
N SER A 254 -14.78 9.42 -3.56
CA SER A 254 -14.77 7.97 -3.58
C SER A 254 -16.20 7.47 -3.46
N GLN A 255 -16.49 6.34 -4.07
CA GLN A 255 -17.73 5.65 -3.81
C GLN A 255 -17.56 4.16 -4.02
N LEU A 256 -17.65 3.42 -2.91
CA LEU A 256 -17.67 1.96 -2.95
C LEU A 256 -19.09 1.47 -3.29
N LEU A 257 -19.18 0.68 -4.35
CA LEU A 257 -20.44 0.22 -4.87
C LEU A 257 -20.88 -1.13 -4.32
N ASP A 258 -22.19 -1.28 -4.36
CA ASP A 258 -22.84 -2.50 -4.00
C ASP A 258 -22.88 -3.41 -5.18
N ASP A 259 -22.99 -4.70 -4.92
CA ASP A 259 -23.23 -5.72 -5.94
C ASP A 259 -22.28 -5.67 -7.13
N SER A 260 -21.01 -5.36 -6.88
CA SER A 260 -20.03 -5.31 -7.96
C SER A 260 -18.64 -5.70 -7.48
N GLU A 261 -18.59 -6.68 -6.57
CA GLU A 261 -17.32 -7.22 -6.05
C GLU A 261 -16.51 -7.81 -7.19
N ASP A 262 -17.20 -8.50 -8.09
CA ASP A 262 -16.58 -9.20 -9.22
C ASP A 262 -16.11 -8.33 -10.37
N GLY A 263 -16.35 -7.02 -10.29
CA GLY A 263 -16.05 -6.12 -11.39
C GLY A 263 -14.61 -6.08 -11.80
N ILE A 264 -13.73 -5.78 -10.84
CA ILE A 264 -12.33 -5.70 -11.06
C ILE A 264 -11.72 -6.51 -9.94
N VAL A 265 -10.94 -7.52 -10.31
CA VAL A 265 -10.32 -8.42 -9.38
C VAL A 265 -8.82 -8.49 -9.63
N LEU A 266 -8.03 -8.37 -8.57
CA LEU A 266 -6.60 -8.45 -8.70
C LEU A 266 -6.10 -9.58 -7.86
N GLY A 267 -5.22 -10.38 -8.45
CA GLY A 267 -4.69 -11.54 -7.78
C GLY A 267 -3.23 -11.80 -8.06
N VAL A 268 -2.65 -12.66 -7.24
CA VAL A 268 -1.29 -13.06 -7.40
C VAL A 268 -1.25 -14.54 -7.69
N ASN A 269 -0.92 -14.89 -8.95
CA ASN A 269 -0.70 -16.29 -9.33
C ASN A 269 0.76 -16.68 -9.28
N HIS A 270 0.98 -17.98 -9.29
CA HIS A 270 2.31 -18.55 -9.34
C HIS A 270 3.17 -18.10 -10.50
N ASP A 271 2.54 -17.65 -11.59
CA ASP A 271 3.26 -17.18 -12.78
C ASP A 271 2.94 -15.74 -13.16
N GLY A 272 2.49 -14.93 -12.19
CA GLY A 272 2.27 -13.51 -12.42
C GLY A 272 1.08 -12.95 -11.70
N ILE A 273 1.06 -11.63 -11.61
CA ILE A 273 -0.09 -10.91 -11.10
C ILE A 273 -1.11 -10.86 -12.22
N THR A 274 -2.39 -11.06 -11.89
CA THR A 274 -3.49 -10.84 -12.84
C THR A 274 -4.54 -9.91 -12.32
N CYS A 275 -5.29 -9.43 -13.30
CA CYS A 275 -6.48 -8.62 -13.16
C CYS A 275 -7.55 -9.39 -13.90
N GLU A 276 -8.67 -9.69 -13.24
CA GLU A 276 -9.82 -10.40 -13.85
C GLU A 276 -10.99 -9.46 -13.87
N LEU A 277 -11.48 -9.13 -15.07
CA LEU A 277 -12.60 -8.22 -15.26
C LEU A 277 -13.89 -8.95 -15.51
N SER A 278 -14.97 -8.39 -14.99
CA SER A 278 -16.30 -8.92 -15.21
C SER A 278 -16.82 -8.43 -16.53
N GLU A 279 -17.54 -9.30 -17.24
CA GLU A 279 -18.37 -8.92 -18.39
C GLU A 279 -19.34 -7.80 -18.04
N ASN A 280 -19.76 -7.72 -16.78
CA ASN A 280 -20.71 -6.71 -16.34
C ASN A 280 -20.10 -5.38 -15.92
N LEU A 281 -18.79 -5.30 -15.97
CA LEU A 281 -18.13 -4.09 -15.54
C LEU A 281 -18.62 -2.87 -16.30
N PRO A 282 -18.75 -2.99 -17.61
CA PRO A 282 -19.27 -1.82 -18.32
C PRO A 282 -20.63 -1.33 -17.79
N SER A 283 -21.57 -2.25 -17.52
CA SER A 283 -22.86 -1.82 -16.94
C SER A 283 -22.71 -1.35 -15.50
N TYR A 284 -21.84 -1.96 -14.70
CA TYR A 284 -21.51 -1.40 -13.38
C TYR A 284 -21.10 0.08 -13.46
N ILE A 285 -20.20 0.36 -14.40
CA ILE A 285 -19.75 1.72 -14.69
C ILE A 285 -20.88 2.60 -15.22
N TYR A 286 -21.61 2.10 -16.19
CA TYR A 286 -22.79 2.81 -16.70
C TYR A 286 -23.73 3.25 -15.57
N ARG A 287 -24.07 2.33 -14.67
CA ARG A 287 -25.04 2.62 -13.62
C ARG A 287 -24.51 3.50 -12.51
N SER A 288 -23.20 3.55 -12.33
CA SER A 288 -22.60 4.26 -11.20
C SER A 288 -21.94 5.61 -11.46
N VAL A 289 -21.45 5.86 -12.66
CA VAL A 289 -20.70 7.08 -12.91
C VAL A 289 -21.53 8.34 -12.67
N ASP A 290 -22.65 8.47 -13.36
CA ASP A 290 -23.41 9.70 -13.26
C ASP A 290 -23.80 10.08 -11.83
N PRO A 291 -24.49 9.17 -11.10
CA PRO A 291 -24.95 9.60 -9.76
C PRO A 291 -23.81 10.01 -8.82
N VAL A 292 -22.67 9.35 -8.97
CA VAL A 292 -21.53 9.65 -8.14
C VAL A 292 -20.96 11.01 -8.51
N VAL A 293 -20.75 11.24 -9.80
CA VAL A 293 -20.19 12.47 -10.32
C VAL A 293 -21.15 13.64 -10.05
N ALA A 294 -22.43 13.39 -10.29
CA ALA A 294 -23.51 14.32 -9.99
C ALA A 294 -23.45 14.80 -8.54
N GLU A 295 -23.40 13.83 -7.62
CA GLU A 295 -23.41 14.14 -6.20
C GLU A 295 -22.21 14.96 -5.85
N MET A 296 -21.07 14.67 -6.47
CA MET A 296 -19.85 15.42 -6.21
C MET A 296 -20.00 16.86 -6.61
N LEU A 297 -20.50 17.07 -7.83
CA LEU A 297 -20.77 18.41 -8.35
C LEU A 297 -21.76 19.17 -7.49
N ARG A 298 -22.84 18.48 -7.09
CA ARG A 298 -23.80 19.03 -6.14
C ARG A 298 -23.15 19.53 -4.85
N ASP A 299 -22.29 18.71 -4.25
CA ASP A 299 -21.55 19.08 -3.02
C ASP A 299 -20.48 20.12 -3.27
N ASN A 300 -20.08 20.29 -4.52
CA ASN A 300 -19.16 21.35 -4.90
C ASN A 300 -19.88 22.54 -5.54
N GLY A 301 -21.17 22.42 -5.82
CA GLY A 301 -21.95 23.54 -6.36
C GLY A 301 -21.59 23.89 -7.80
N LEU A 302 -21.64 22.89 -8.67
CA LEU A 302 -21.42 23.09 -10.09
C LEU A 302 -22.33 22.18 -10.92
N SER A 303 -22.20 22.27 -12.23
CA SER A 303 -22.87 21.33 -13.09
C SER A 303 -21.92 20.86 -14.16
N LYS A 304 -22.33 19.77 -14.81
CA LYS A 304 -21.63 19.23 -15.98
C LYS A 304 -21.28 20.35 -16.98
N ALA A 305 -22.13 21.38 -17.04
CA ALA A 305 -21.89 22.61 -17.79
C ALA A 305 -20.58 23.33 -17.41
N ASP A 306 -20.30 23.43 -16.11
CA ASP A 306 -19.08 24.07 -15.63
C ASP A 306 -17.79 23.22 -15.89
N ILE A 307 -17.94 21.93 -16.19
CA ILE A 307 -16.78 21.06 -16.42
C ILE A 307 -16.30 21.20 -17.84
N ASP A 308 -15.10 21.75 -18.01
CA ASP A 308 -14.48 21.86 -19.32
C ASP A 308 -13.72 20.61 -19.71
N LEU A 309 -13.22 19.84 -18.74
CA LEU A 309 -12.38 18.69 -19.04
C LEU A 309 -12.82 17.41 -18.35
N TRP A 310 -12.84 16.32 -19.11
CA TRP A 310 -13.19 15.01 -18.59
C TRP A 310 -12.03 14.06 -18.78
N ALA A 311 -11.32 13.84 -17.68
CA ALA A 311 -10.18 12.95 -17.65
C ALA A 311 -10.69 11.59 -17.20
N ILE A 312 -11.33 10.90 -18.11
CA ILE A 312 -11.87 9.57 -17.84
C ILE A 312 -10.70 8.64 -17.95
N HIS A 313 -10.51 7.78 -16.97
CA HIS A 313 -9.40 6.84 -17.02
C HIS A 313 -9.47 6.04 -18.32
N PRO A 314 -8.41 6.04 -19.14
CA PRO A 314 -8.47 5.24 -20.35
C PRO A 314 -8.17 3.78 -20.13
N GLY A 315 -9.09 3.08 -19.46
CA GLY A 315 -8.91 1.66 -19.20
C GLY A 315 -9.13 0.75 -20.41
N GLY A 316 -9.88 1.28 -21.37
CA GLY A 316 -10.35 0.47 -22.49
C GLY A 316 -11.50 1.22 -23.17
N PRO A 317 -11.90 0.78 -24.36
CA PRO A 317 -12.97 1.50 -25.05
C PRO A 317 -14.33 1.42 -24.33
N LYS A 318 -14.74 0.24 -23.85
CA LYS A 318 -15.98 0.17 -23.07
C LYS A 318 -15.94 1.09 -21.82
N ILE A 319 -14.79 1.19 -21.15
CA ILE A 319 -14.64 2.02 -19.95
C ILE A 319 -14.90 3.50 -20.21
N ILE A 320 -14.35 3.99 -21.30
CA ILE A 320 -14.56 5.37 -21.68
C ILE A 320 -16.00 5.57 -22.18
N GLU A 321 -16.41 4.67 -23.08
CA GLU A 321 -17.71 4.73 -23.75
C GLU A 321 -18.80 4.76 -22.68
N GLN A 322 -18.75 3.79 -21.78
CA GLN A 322 -19.77 3.68 -20.75
C GLN A 322 -19.73 4.78 -19.71
N SER A 323 -18.55 5.26 -19.38
CA SER A 323 -18.43 6.44 -18.50
C SER A 323 -19.15 7.59 -19.18
N ALA A 324 -18.89 7.77 -20.47
CA ALA A 324 -19.36 8.94 -21.16
C ALA A 324 -20.87 8.87 -21.39
N ARG A 325 -21.36 7.68 -21.69
CA ARG A 325 -22.78 7.52 -21.88
C ARG A 325 -23.54 7.49 -20.56
N SER A 326 -22.85 7.27 -19.44
CA SER A 326 -23.49 7.41 -18.13
C SER A 326 -23.68 8.86 -17.85
N LEU A 327 -22.61 9.62 -18.02
CA LEU A 327 -22.72 11.06 -17.93
C LEU A 327 -23.48 11.47 -19.14
N GLY A 328 -23.77 12.74 -19.27
CA GLY A 328 -24.52 13.13 -20.47
C GLY A 328 -23.64 13.38 -21.70
N ILE A 329 -22.40 12.85 -21.76
CA ILE A 329 -21.42 13.40 -22.73
C ILE A 329 -21.11 12.58 -24.01
N PRO A 330 -20.84 13.29 -25.12
CA PRO A 330 -20.44 12.59 -26.31
C PRO A 330 -19.21 11.75 -26.03
N VAL A 331 -19.23 10.50 -26.47
CA VAL A 331 -18.14 9.55 -26.20
C VAL A 331 -16.74 10.11 -26.47
N GLY A 332 -16.58 10.72 -27.63
CA GLY A 332 -15.32 11.24 -28.09
C GLY A 332 -14.91 12.56 -27.47
N ARG A 333 -15.75 13.13 -26.60
CA ARG A 333 -15.37 14.34 -25.86
C ARG A 333 -14.08 14.18 -25.06
N ALA A 334 -13.93 13.08 -24.33
CA ALA A 334 -12.72 12.90 -23.51
C ALA A 334 -11.51 12.54 -24.40
N VAL A 335 -11.00 13.54 -25.11
CA VAL A 335 -10.11 13.25 -26.23
C VAL A 335 -8.75 12.78 -25.78
N GLN A 336 -8.26 13.37 -24.69
CA GLN A 336 -7.04 12.90 -24.04
C GLN A 336 -7.11 11.42 -23.61
N SER A 337 -8.26 10.99 -23.10
CA SER A 337 -8.41 9.59 -22.70
C SER A 337 -8.21 8.65 -23.90
N TRP A 338 -8.91 8.93 -24.99
CA TRP A 338 -8.77 8.14 -26.23
C TRP A 338 -7.34 8.22 -26.76
N ASP A 339 -6.76 9.41 -26.72
CA ASP A 339 -5.39 9.63 -27.19
C ASP A 339 -4.41 8.73 -26.45
N VAL A 340 -4.58 8.64 -25.14
CA VAL A 340 -3.60 7.92 -24.27
C VAL A 340 -3.77 6.44 -24.47
N LEU A 341 -5.03 6.00 -24.54
CA LEU A 341 -5.31 4.62 -24.84
C LEU A 341 -4.71 4.22 -26.18
N ALA A 342 -4.90 5.06 -27.19
CA ALA A 342 -4.34 4.78 -28.52
C ALA A 342 -2.82 4.62 -28.53
N GLN A 343 -2.12 5.49 -27.79
CA GLN A 343 -0.64 5.53 -27.79
C GLN A 343 0.00 4.57 -26.78
N PHE A 344 -0.66 4.35 -25.66
CA PHE A 344 -0.04 3.62 -24.57
C PHE A 344 -0.81 2.41 -24.02
N GLY A 345 -2.10 2.36 -24.26
CA GLY A 345 -2.95 1.38 -23.65
C GLY A 345 -3.33 1.79 -22.25
N ASN A 346 -3.59 0.78 -21.44
CA ASN A 346 -3.97 0.99 -20.07
C ASN A 346 -2.73 0.81 -19.21
N MET A 347 -2.30 1.90 -18.57
CA MET A 347 -1.17 1.87 -17.66
C MET A 347 -1.66 2.00 -16.21
N LEU A 348 -2.81 1.38 -15.94
CA LEU A 348 -3.46 1.46 -14.68
C LEU A 348 -3.40 2.88 -14.01
N SER A 349 -2.72 2.98 -12.86
CA SER A 349 -2.68 4.19 -12.04
C SER A 349 -2.06 5.35 -12.77
N VAL A 350 -1.20 5.02 -13.73
CA VAL A 350 -0.38 5.98 -14.43
C VAL A 350 -1.19 6.75 -15.48
N SER A 351 -2.07 6.06 -16.17
CA SER A 351 -2.80 6.67 -17.27
C SER A 351 -3.34 8.06 -16.99
N LEU A 352 -3.95 8.26 -15.84
CA LEU A 352 -4.58 9.56 -15.53
C LEU A 352 -3.58 10.68 -15.36
N ILE A 353 -2.34 10.33 -15.02
CA ILE A 353 -1.24 11.31 -14.99
C ILE A 353 -0.91 11.74 -16.42
N PHE A 354 -0.85 10.79 -17.34
CA PHE A 354 -0.64 11.12 -18.75
C PHE A 354 -1.74 12.05 -19.22
N VAL A 355 -3.00 11.64 -18.99
CA VAL A 355 -4.18 12.41 -19.38
C VAL A 355 -4.01 13.84 -18.87
N LEU A 356 -3.67 13.99 -17.61
CA LEU A 356 -3.53 15.32 -17.03
C LEU A 356 -2.37 16.13 -17.63
N GLU A 357 -1.28 15.46 -17.97
CA GLU A 357 -0.13 16.17 -18.56
C GLU A 357 -0.48 16.71 -19.95
N MET A 358 -1.22 15.90 -20.72
CA MET A 358 -1.69 16.33 -22.02
C MET A 358 -2.58 17.56 -21.88
N MET A 359 -3.54 17.46 -20.95
CA MET A 359 -4.45 18.55 -20.66
C MET A 359 -3.70 19.83 -20.27
N VAL A 360 -2.67 19.73 -19.45
CA VAL A 360 -1.86 20.91 -19.14
C VAL A 360 -1.17 21.44 -20.39
N ALA A 361 -0.68 20.54 -21.23
CA ALA A 361 -0.02 20.95 -22.47
C ALA A 361 -0.98 21.75 -23.37
N GLN A 362 -2.10 21.13 -23.73
CA GLN A 362 -3.08 21.78 -24.61
C GLN A 362 -3.88 22.82 -23.79
N ALA A 363 -3.45 24.06 -23.82
CA ALA A 363 -4.25 25.18 -23.34
C ALA A 363 -5.40 25.49 -24.36
N GLU A 364 -6.52 24.77 -24.17
CA GLU A 364 -7.64 24.70 -25.14
C GLU A 364 -8.68 25.81 -25.03
N SER A 365 -8.45 26.79 -24.14
CA SER A 365 -9.43 27.84 -23.91
C SER A 365 -8.74 29.16 -23.61
N ASP A 366 -9.48 30.24 -23.82
CA ASP A 366 -9.08 31.60 -23.44
C ASP A 366 -9.52 31.94 -22.01
N LYS A 367 -10.19 31.02 -21.31
CA LYS A 367 -10.55 31.21 -19.91
C LYS A 367 -9.29 31.15 -19.04
N PRO A 368 -9.33 31.80 -17.87
CA PRO A 368 -8.18 31.75 -16.95
C PRO A 368 -7.99 30.38 -16.28
N ILE A 369 -9.09 29.76 -15.84
CA ILE A 369 -9.06 28.45 -15.21
C ILE A 369 -9.89 27.45 -16.04
N SER A 370 -9.23 26.54 -16.74
CA SER A 370 -9.92 25.45 -17.43
C SER A 370 -10.16 24.36 -16.39
N THR A 371 -11.42 24.03 -16.05
CA THR A 371 -11.65 23.08 -14.95
C THR A 371 -12.18 21.74 -15.45
N GLY A 372 -11.83 20.67 -14.75
CA GLY A 372 -12.15 19.32 -15.18
C GLY A 372 -12.43 18.35 -14.06
N VAL A 373 -12.81 17.13 -14.45
CA VAL A 373 -13.00 16.05 -13.52
C VAL A 373 -12.25 14.82 -14.02
N ALA A 374 -11.50 14.21 -13.12
CA ALA A 374 -10.91 12.92 -13.38
C ALA A 374 -11.59 11.88 -12.51
N PHE A 375 -11.75 10.69 -13.06
CA PHE A 375 -12.13 9.53 -12.29
C PHE A 375 -11.66 8.25 -12.94
N ALA A 376 -11.69 7.20 -12.13
CA ALA A 376 -11.26 5.88 -12.55
C ALA A 376 -11.96 4.82 -11.68
N PHE A 377 -11.71 3.56 -12.00
CA PHE A 377 -12.37 2.47 -11.29
C PHE A 377 -11.41 1.51 -10.71
N ALA A 378 -11.81 1.06 -9.51
CA ALA A 378 -10.93 0.26 -8.67
C ALA A 378 -11.70 -0.99 -8.30
N PRO A 379 -10.98 -2.06 -7.90
CA PRO A 379 -11.67 -3.20 -7.29
C PRO A 379 -12.63 -2.75 -6.20
N GLY A 380 -13.83 -3.33 -6.19
CA GLY A 380 -14.84 -2.98 -5.19
C GLY A 380 -16.23 -3.35 -5.65
N VAL A 381 -16.77 -2.70 -6.69
CA VAL A 381 -16.10 -1.64 -7.45
C VAL A 381 -16.14 -0.31 -6.71
N THR A 382 -15.05 0.43 -6.78
CA THR A 382 -14.98 1.77 -6.29
C THR A 382 -14.70 2.74 -7.43
N VAL A 383 -15.47 3.83 -7.46
CA VAL A 383 -15.24 4.98 -8.31
C VAL A 383 -14.41 5.93 -7.45
N GLU A 384 -13.23 6.27 -7.92
CA GLU A 384 -12.37 7.26 -7.28
C GLU A 384 -12.18 8.40 -8.26
N GLY A 385 -12.11 9.63 -7.78
CA GLY A 385 -11.86 10.74 -8.70
C GLY A 385 -11.50 12.06 -8.04
N MET A 386 -11.38 13.10 -8.85
CA MET A 386 -11.20 14.45 -8.32
C MET A 386 -11.63 15.56 -9.26
N LEU A 387 -11.99 16.69 -8.66
CA LEU A 387 -12.31 17.90 -9.40
C LEU A 387 -11.11 18.77 -9.29
N PHE A 388 -10.75 19.40 -10.40
CA PHE A 388 -9.57 20.24 -10.43
C PHE A 388 -9.74 21.39 -11.41
N ASP A 389 -9.09 22.51 -11.12
CA ASP A 389 -9.05 23.64 -12.06
C ASP A 389 -7.61 23.75 -12.46
N ILE A 390 -7.31 23.71 -13.75
CA ILE A 390 -5.96 24.01 -14.20
C ILE A 390 -5.80 25.54 -14.22
N ILE A 391 -4.77 26.08 -13.57
CA ILE A 391 -4.53 27.51 -13.64
C ILE A 391 -3.78 27.80 -14.94
N ARG A 392 -4.53 28.29 -15.92
CA ARG A 392 -4.04 28.71 -17.24
C ARG A 392 -3.67 30.20 -17.19
N THR B 30 -1.91 24.81 15.54
CA THR B 30 -3.33 24.85 15.99
C THR B 30 -3.78 23.53 16.61
N THR B 31 -3.31 22.41 16.06
CA THR B 31 -3.94 21.12 16.32
C THR B 31 -2.94 19.96 16.48
N VAL B 32 -3.43 18.82 16.96
CA VAL B 32 -2.58 17.62 17.15
C VAL B 32 -3.44 16.36 17.21
N ALA B 33 -2.88 15.23 16.78
CA ALA B 33 -3.64 13.98 16.59
C ALA B 33 -3.73 13.17 17.87
N VAL B 34 -4.73 12.29 17.96
CA VAL B 34 -5.02 11.50 19.17
C VAL B 34 -5.66 10.13 18.87
N ILE B 35 -5.21 9.07 19.53
CA ILE B 35 -5.88 7.75 19.47
C ILE B 35 -7.05 7.68 20.47
N GLU B 36 -8.28 7.67 19.94
CA GLU B 36 -9.50 7.68 20.76
C GLU B 36 -10.09 6.31 21.05
N GLY B 37 -9.78 5.32 20.22
CA GLY B 37 -10.22 3.95 20.48
C GLY B 37 -9.12 3.05 19.99
N MET B 38 -9.19 1.77 20.36
CA MET B 38 -8.11 0.82 20.05
C MET B 38 -8.55 -0.61 20.37
N ALA B 39 -7.97 -1.61 19.71
CA ALA B 39 -8.41 -2.99 19.94
C ALA B 39 -7.47 -3.96 19.30
N THR B 40 -7.51 -5.20 19.79
CA THR B 40 -6.64 -6.25 19.29
C THR B 40 -7.41 -7.50 19.13
N GLY B 41 -6.89 -8.42 18.34
CA GLY B 41 -7.48 -9.76 18.18
C GLY B 41 -6.50 -10.72 17.55
N ALA B 42 -6.91 -11.98 17.39
CA ALA B 42 -6.01 -12.99 16.84
C ALA B 42 -6.77 -14.28 16.59
N PRO B 43 -6.24 -15.14 15.73
CA PRO B 43 -6.85 -16.45 15.57
C PRO B 43 -7.02 -17.21 16.89
N GLN B 44 -8.17 -17.85 17.07
CA GLN B 44 -8.41 -18.60 18.32
C GLN B 44 -7.32 -19.61 18.66
N ARG B 45 -6.85 -20.33 17.65
CA ARG B 45 -5.92 -21.43 17.85
C ARG B 45 -4.60 -20.96 18.45
N VAL B 46 -4.33 -21.38 19.69
CA VAL B 46 -3.04 -21.15 20.35
C VAL B 46 -2.09 -22.29 19.97
N VAL B 47 -0.87 -21.99 19.55
CA VAL B 47 0.12 -23.04 19.24
C VAL B 47 1.33 -22.92 20.13
N ALA B 48 1.53 -23.93 20.97
CA ALA B 48 2.65 -23.96 21.91
C ALA B 48 3.92 -24.16 21.12
N GLN B 49 4.90 -23.35 21.44
CA GLN B 49 6.17 -23.42 20.77
C GLN B 49 6.86 -24.78 20.96
N ALA B 50 6.66 -25.39 22.13
CA ALA B 50 7.15 -26.74 22.40
C ALA B 50 6.65 -27.78 21.37
N ASP B 51 5.39 -27.64 20.97
CA ASP B 51 4.79 -28.54 20.01
C ASP B 51 5.32 -28.23 18.63
N ALA B 52 5.28 -26.96 18.26
CA ALA B 52 5.78 -26.53 16.97
C ALA B 52 7.20 -27.02 16.75
N ALA B 53 8.03 -26.82 17.77
CA ALA B 53 9.43 -27.27 17.77
C ALA B 53 9.57 -28.79 17.64
N ALA B 54 8.75 -29.51 18.40
CA ALA B 54 8.67 -30.95 18.33
C ALA B 54 8.20 -31.39 16.93
N ARG B 55 7.14 -30.78 16.43
CA ARG B 55 6.61 -31.10 15.08
C ARG B 55 7.67 -30.83 13.98
N VAL B 56 8.40 -29.72 14.09
CA VAL B 56 9.40 -29.39 13.09
C VAL B 56 10.62 -30.32 13.23
N SER B 57 11.04 -30.59 14.47
CA SER B 57 12.20 -31.49 14.76
C SER B 57 12.02 -32.90 14.19
N GLU B 58 10.81 -33.44 14.30
CA GLU B 58 10.43 -34.71 13.68
C GLU B 58 10.94 -34.79 12.23
N LEU B 59 10.71 -33.71 11.46
CA LEU B 59 11.04 -33.68 10.03
C LEU B 59 12.52 -33.94 9.70
N PHE B 60 13.46 -33.38 10.46
CA PHE B 60 14.89 -33.38 10.03
C PHE B 60 15.77 -34.60 10.32
N VAL B 61 15.56 -35.28 11.44
CA VAL B 61 16.18 -36.58 11.75
C VAL B 61 17.65 -36.75 11.32
N ASP B 62 18.45 -35.70 11.51
CA ASP B 62 19.92 -35.78 11.44
C ASP B 62 20.45 -35.46 12.82
N PRO B 63 21.67 -35.91 13.14
CA PRO B 63 22.21 -35.61 14.47
C PRO B 63 22.42 -34.11 14.64
N GLN B 64 23.13 -33.50 13.69
CA GLN B 64 23.34 -32.05 13.67
C GLN B 64 22.03 -31.31 13.39
N GLN B 65 21.30 -31.76 12.35
CA GLN B 65 20.09 -31.08 11.89
C GLN B 65 19.02 -30.98 12.98
N ARG B 66 18.55 -32.13 13.48
CA ARG B 66 17.50 -32.16 14.52
C ARG B 66 17.91 -31.37 15.78
N GLU B 67 19.20 -31.48 16.15
CA GLU B 67 19.78 -30.70 17.26
C GLU B 67 19.68 -29.19 17.01
N ARG B 68 20.19 -28.75 15.86
CA ARG B 68 20.20 -27.32 15.48
C ARG B 68 18.82 -26.71 15.65
N ILE B 69 17.80 -27.44 15.18
CA ILE B 69 16.40 -26.96 15.22
C ILE B 69 15.90 -26.79 16.65
N SER B 70 16.15 -27.79 17.52
CA SER B 70 15.72 -27.70 18.94
C SER B 70 16.27 -26.42 19.57
N ARG B 71 17.57 -26.20 19.36
CA ARG B 71 18.28 -24.98 19.82
C ARG B 71 17.63 -23.68 19.33
N ILE B 72 17.32 -23.60 18.03
CA ILE B 72 16.66 -22.41 17.45
C ILE B 72 15.34 -22.07 18.12
N TYR B 73 14.47 -23.06 18.28
CA TYR B 73 13.17 -22.81 18.89
C TYR B 73 13.32 -22.36 20.33
N ASP B 74 14.25 -22.99 21.04
CA ASP B 74 14.56 -22.59 22.42
C ASP B 74 14.91 -21.12 22.54
N LYS B 75 15.74 -20.63 21.62
CA LYS B 75 16.25 -19.27 21.70
C LYS B 75 15.20 -18.21 21.40
N THR B 76 14.01 -18.59 20.92
CA THR B 76 13.04 -17.59 20.44
C THR B 76 12.38 -16.75 21.50
N ARG B 77 12.36 -17.19 22.75
CA ARG B 77 11.61 -16.52 23.82
C ARG B 77 10.11 -16.40 23.52
N ILE B 78 9.59 -17.39 22.79
CA ILE B 78 8.18 -17.49 22.46
C ILE B 78 7.59 -18.75 23.13
N ASP B 79 6.53 -18.54 23.91
CA ASP B 79 5.75 -19.64 24.47
C ASP B 79 4.62 -20.07 23.51
N THR B 80 3.92 -19.09 22.96
CA THR B 80 2.75 -19.35 22.14
C THR B 80 2.67 -18.40 20.96
N ARG B 81 1.98 -18.87 19.92
CA ARG B 81 1.55 -18.02 18.83
C ARG B 81 0.13 -18.39 18.44
N ARG B 82 -0.62 -17.41 17.97
CA ARG B 82 -1.95 -17.61 17.43
C ARG B 82 -1.83 -17.83 15.95
N MET B 83 -2.51 -18.84 15.46
CA MET B 83 -2.37 -19.22 14.08
C MET B 83 -3.72 -19.59 13.51
N ALA B 84 -4.07 -18.94 12.41
CA ALA B 84 -5.36 -19.15 11.74
C ALA B 84 -5.41 -20.46 10.99
N VAL B 85 -4.25 -20.92 10.52
CA VAL B 85 -4.11 -22.24 9.95
C VAL B 85 -3.38 -23.13 10.93
N ASP B 86 -3.75 -24.41 10.93
CA ASP B 86 -3.19 -25.40 11.81
C ASP B 86 -1.92 -26.01 11.17
N PRO B 87 -0.82 -26.11 11.95
CA PRO B 87 0.28 -27.01 11.57
C PRO B 87 0.06 -28.45 11.99
N LEU B 88 -1.01 -28.73 12.74
CA LEU B 88 -1.38 -30.10 13.12
C LEU B 88 -1.95 -30.94 11.97
N ASP B 89 -2.82 -30.38 11.14
CA ASP B 89 -3.57 -31.22 10.19
C ASP B 89 -2.70 -31.79 9.07
N ASP B 90 -2.78 -33.10 8.86
CA ASP B 90 -2.08 -33.76 7.76
C ASP B 90 -2.59 -33.25 6.40
N GLU B 91 -3.87 -32.91 6.32
CA GLU B 91 -4.47 -32.32 5.12
C GLU B 91 -3.82 -30.99 4.73
N PHE B 92 -3.59 -30.12 5.73
CA PHE B 92 -2.82 -28.87 5.52
C PHE B 92 -1.34 -29.15 5.22
N ASP B 93 -0.79 -30.20 5.82
CA ASP B 93 0.62 -30.64 5.59
C ASP B 93 0.93 -30.84 4.11
N GLU B 94 0.13 -31.63 3.41
CA GLU B 94 0.35 -31.92 1.98
C GLU B 94 0.19 -30.71 1.07
N PHE B 95 -0.74 -29.81 1.41
CA PHE B 95 -0.90 -28.54 0.70
C PHE B 95 0.36 -27.67 0.84
N ARG B 96 0.88 -27.54 2.06
CA ARG B 96 2.13 -26.77 2.33
C ARG B 96 3.32 -27.28 1.52
N ARG B 97 3.33 -28.58 1.23
CA ARG B 97 4.36 -29.18 0.38
C ARG B 97 4.23 -28.68 -1.06
N GLU B 98 3.00 -28.55 -1.57
CA GLU B 98 2.79 -28.29 -3.00
C GLU B 98 3.36 -26.97 -3.52
N PRO B 99 3.86 -26.99 -4.77
CA PRO B 99 4.35 -25.77 -5.40
C PRO B 99 3.18 -24.98 -5.98
N ALA B 100 3.41 -23.71 -6.31
CA ALA B 100 2.49 -22.88 -7.11
C ALA B 100 1.13 -22.57 -6.45
N THR B 101 1.09 -22.64 -5.13
CA THR B 101 -0.15 -22.45 -4.39
C THR B 101 -0.39 -21.02 -3.96
N ILE B 102 0.45 -20.09 -4.43
CA ILE B 102 0.42 -18.70 -3.93
C ILE B 102 -0.98 -18.12 -3.92
N ARG B 103 -1.72 -18.30 -5.01
CA ARG B 103 -3.04 -17.71 -5.12
C ARG B 103 -4.01 -18.27 -4.09
N ASP B 104 -4.03 -19.59 -3.92
CA ASP B 104 -4.86 -20.19 -2.85
C ASP B 104 -4.52 -19.63 -1.47
N ARG B 105 -3.26 -19.35 -1.21
CA ARG B 105 -2.87 -18.80 0.08
C ARG B 105 -3.39 -17.36 0.27
N MET B 106 -3.37 -16.60 -0.82
CA MET B 106 -3.92 -15.26 -0.81
C MET B 106 -5.42 -15.31 -0.54
N ASN B 107 -6.14 -16.20 -1.22
CA ASN B 107 -7.56 -16.39 -0.91
C ASN B 107 -7.78 -16.86 0.53
N LEU B 108 -6.83 -17.65 1.01
CA LEU B 108 -6.91 -18.13 2.36
C LEU B 108 -6.67 -16.99 3.36
N PHE B 109 -5.76 -16.08 3.04
CA PHE B 109 -5.57 -14.87 3.83
C PHE B 109 -6.89 -14.14 3.96
N TYR B 110 -7.60 -14.00 2.85
CA TYR B 110 -8.89 -13.34 2.81
C TYR B 110 -9.95 -14.05 3.63
N GLN B 111 -10.01 -15.37 3.45
CA GLN B 111 -11.04 -16.20 4.09
C GLN B 111 -10.94 -16.04 5.62
N HIS B 112 -9.73 -16.04 6.14
CA HIS B 112 -9.51 -15.86 7.58
C HIS B 112 -9.45 -14.42 8.07
N ALA B 113 -9.02 -13.50 7.22
CA ALA B 113 -8.79 -12.12 7.69
C ALA B 113 -10.06 -11.29 7.87
N VAL B 114 -11.06 -11.52 7.01
CA VAL B 114 -12.25 -10.68 7.00
C VAL B 114 -12.95 -10.66 8.35
N PRO B 115 -13.28 -11.84 8.89
CA PRO B 115 -13.99 -11.82 10.18
C PRO B 115 -13.16 -11.23 11.31
N LEU B 116 -11.89 -11.65 11.41
CA LEU B 116 -10.98 -11.08 12.39
C LEU B 116 -10.90 -9.57 12.31
N ALA B 117 -10.67 -9.08 11.10
CA ALA B 117 -10.45 -7.67 10.90
C ALA B 117 -11.74 -6.89 11.14
N VAL B 118 -12.85 -7.46 10.72
CA VAL B 118 -14.15 -6.83 10.95
C VAL B 118 -14.42 -6.76 12.45
N ASP B 119 -14.28 -7.89 13.11
CA ASP B 119 -14.42 -7.93 14.56
C ASP B 119 -13.52 -6.89 15.26
N VAL B 120 -12.22 -6.89 14.98
CA VAL B 120 -11.32 -5.99 15.71
C VAL B 120 -11.60 -4.52 15.41
N ALA B 121 -11.92 -4.21 14.14
CA ALA B 121 -12.26 -2.84 13.74
C ALA B 121 -13.51 -2.34 14.49
N ALA B 122 -14.51 -3.22 14.54
CA ALA B 122 -15.71 -2.94 15.31
C ALA B 122 -15.35 -2.66 16.76
N ARG B 123 -14.55 -3.52 17.38
CA ARG B 123 -14.28 -3.34 18.80
C ARG B 123 -13.56 -2.03 19.10
N ALA B 124 -12.69 -1.61 18.18
CA ALA B 124 -12.03 -0.31 18.25
C ALA B 124 -13.03 0.83 18.18
N LEU B 125 -14.05 0.67 17.36
CA LEU B 125 -15.09 1.68 17.27
C LEU B 125 -16.11 1.64 18.41
N ASP B 126 -16.39 0.45 18.95
CA ASP B 126 -17.43 0.31 19.99
C ASP B 126 -17.01 0.99 21.27
N GLY B 127 -17.99 1.52 21.98
CA GLY B 127 -17.74 2.42 23.09
C GLY B 127 -17.13 3.74 22.64
N LEU B 128 -17.51 4.19 21.44
CA LEU B 128 -17.21 5.56 21.04
C LEU B 128 -18.48 6.26 20.62
N PRO B 129 -18.59 7.58 20.87
CA PRO B 129 -19.78 8.39 20.58
C PRO B 129 -19.76 9.04 19.20
N TYR B 130 -19.35 8.30 18.15
CA TYR B 130 -19.31 8.84 16.78
C TYR B 130 -20.29 8.16 15.82
N ALA B 131 -20.81 8.93 14.89
CA ALA B 131 -21.57 8.36 13.80
C ALA B 131 -20.57 7.83 12.78
N PRO B 132 -20.97 6.82 11.98
CA PRO B 132 -20.15 6.34 10.87
C PRO B 132 -19.78 7.44 9.88
N ASP B 133 -20.67 8.41 9.68
CA ASP B 133 -20.42 9.59 8.86
C ASP B 133 -19.17 10.33 9.26
N GLU B 134 -18.76 10.18 10.52
CA GLU B 134 -17.53 10.78 11.03
C GLU B 134 -16.25 10.02 10.63
N ILE B 135 -16.36 8.76 10.22
CA ILE B 135 -15.19 7.97 9.84
C ILE B 135 -14.86 8.19 8.36
N GLY B 136 -13.90 9.07 8.10
CA GLY B 136 -13.54 9.46 6.72
C GLY B 136 -12.31 8.82 6.12
N GLN B 137 -11.49 8.11 6.91
CA GLN B 137 -10.38 7.32 6.36
C GLN B 137 -10.25 5.94 6.95
N LEU B 138 -9.94 4.99 6.09
CA LEU B 138 -9.56 3.67 6.49
C LEU B 138 -8.19 3.41 5.88
N VAL B 139 -7.17 3.24 6.71
CA VAL B 139 -5.86 2.82 6.26
C VAL B 139 -5.72 1.38 6.60
N PHE B 140 -5.62 0.52 5.61
CA PHE B 140 -5.55 -0.91 5.83
C PHE B 140 -4.15 -1.30 5.62
N VAL B 141 -3.64 -2.22 6.42
CA VAL B 141 -2.22 -2.60 6.48
C VAL B 141 -2.00 -4.13 6.61
N THR B 142 -1.07 -4.66 5.82
CA THR B 142 -0.65 -6.05 5.91
C THR B 142 0.53 -6.24 4.97
N SER B 143 1.34 -7.23 5.26
CA SER B 143 2.42 -7.64 4.37
C SER B 143 2.36 -9.17 4.12
N THR B 144 1.22 -9.78 4.46
CA THR B 144 1.06 -11.24 4.48
C THR B 144 -0.07 -11.77 3.62
N GLY B 145 -0.78 -10.88 2.90
CA GLY B 145 -1.72 -11.28 1.85
C GLY B 145 -1.92 -10.21 0.81
N PHE B 146 -2.15 -10.61 -0.44
CA PHE B 146 -2.43 -9.69 -1.53
C PHE B 146 -3.63 -10.12 -2.31
N ILE B 147 -4.68 -9.31 -2.31
CA ILE B 147 -5.93 -9.64 -2.98
C ILE B 147 -6.78 -8.39 -3.03
N ALA B 148 -7.51 -8.21 -4.14
CA ALA B 148 -8.37 -7.05 -4.34
C ALA B 148 -9.55 -7.50 -5.19
N PRO B 149 -10.80 -7.15 -4.82
CA PRO B 149 -11.12 -6.33 -3.65
C PRO B 149 -10.81 -7.11 -2.38
N GLY B 150 -10.26 -6.42 -1.39
CA GLY B 150 -9.68 -7.07 -0.24
C GLY B 150 -10.48 -6.82 1.01
N VAL B 151 -9.78 -6.90 2.13
CA VAL B 151 -10.42 -6.89 3.43
C VAL B 151 -10.97 -5.52 3.76
N ASP B 152 -10.26 -4.48 3.33
CA ASP B 152 -10.67 -3.12 3.57
C ASP B 152 -12.12 -2.87 3.10
N VAL B 153 -12.51 -3.42 1.94
CA VAL B 153 -13.85 -3.18 1.43
C VAL B 153 -14.85 -3.79 2.41
N GLU B 154 -14.56 -5.00 2.90
CA GLU B 154 -15.42 -5.73 3.84
C GLU B 154 -15.55 -5.04 5.16
N ILE B 155 -14.54 -4.35 5.58
CA ILE B 155 -14.63 -3.56 6.77
C ILE B 155 -15.71 -2.50 6.54
N VAL B 156 -15.66 -1.76 5.44
CA VAL B 156 -16.63 -0.66 5.27
C VAL B 156 -18.07 -1.21 5.04
N LYS B 157 -18.18 -2.39 4.44
CA LYS B 157 -19.49 -2.96 4.17
C LYS B 157 -20.09 -3.51 5.45
N GLN B 158 -19.36 -4.41 6.10
CA GLN B 158 -19.88 -5.05 7.30
C GLN B 158 -20.00 -4.05 8.45
N LEU B 159 -19.08 -3.10 8.59
CA LEU B 159 -19.22 -2.10 9.65
C LEU B 159 -20.20 -0.99 9.26
N GLY B 160 -20.59 -0.90 7.99
CA GLY B 160 -21.54 0.13 7.57
C GLY B 160 -20.96 1.52 7.56
N LEU B 161 -19.68 1.59 7.24
CA LEU B 161 -19.00 2.88 7.12
C LEU B 161 -19.37 3.58 5.82
N PRO B 162 -19.14 4.90 5.77
CA PRO B 162 -19.60 5.60 4.58
C PRO B 162 -18.91 5.06 3.33
N ARG B 163 -19.66 4.89 2.26
CA ARG B 163 -19.08 4.38 1.02
C ARG B 163 -18.15 5.38 0.33
N SER B 164 -18.30 6.66 0.70
CA SER B 164 -17.41 7.71 0.30
C SER B 164 -16.14 7.78 1.14
N ILE B 165 -15.88 6.78 1.97
CA ILE B 165 -14.66 6.75 2.77
C ILE B 165 -13.42 6.64 1.89
N SER B 166 -12.39 7.36 2.30
CA SER B 166 -11.07 7.35 1.70
C SER B 166 -10.35 6.16 2.18
N ARG B 167 -9.72 5.46 1.27
CA ARG B 167 -8.98 4.28 1.60
C ARG B 167 -7.60 4.32 1.03
N VAL B 168 -6.70 3.69 1.75
CA VAL B 168 -5.30 3.53 1.45
C VAL B 168 -4.93 2.14 1.91
N VAL B 169 -4.38 1.32 1.03
CA VAL B 169 -3.95 -0.03 1.38
C VAL B 169 -2.44 0.04 1.36
N VAL B 170 -1.82 -0.35 2.45
CA VAL B 170 -0.39 -0.21 2.63
C VAL B 170 0.17 -1.61 2.73
N ASN B 171 1.08 -1.98 1.84
CA ASN B 171 1.55 -3.34 1.76
C ASN B 171 3.04 -3.38 1.71
N PHE B 172 3.60 -4.46 2.22
CA PHE B 172 5.03 -4.69 2.17
C PHE B 172 5.88 -3.60 2.86
N MET B 173 5.28 -2.87 3.81
CA MET B 173 6.07 -1.95 4.64
C MET B 173 6.44 -2.61 5.98
N GLY B 174 6.16 -3.91 6.11
CA GLY B 174 6.77 -4.78 7.10
C GLY B 174 6.30 -4.58 8.53
O MCS B 175 5.83 -3.27 12.37
C MCS B 175 6.56 -3.44 11.37
CA MCS B 175 6.89 -4.82 10.92
N MCS B 175 7.18 -4.92 9.49
CB MCS B 175 8.11 -5.31 11.71
SAI MCS B 175 8.05 -7.02 11.39
CAK MCS B 175 9.46 -7.72 11.10
OAC MCS B 175 9.72 -7.91 9.93
CAG MCS B 175 10.24 -8.15 12.30
CAJ MCS B 175 11.66 -7.62 12.38
OAE MCS B 175 12.55 -8.52 12.27
OAB MCS B 175 11.78 -6.35 12.57
N ALA B 176 7.05 -2.43 10.64
CA ALA B 176 6.94 -1.05 11.10
C ALA B 176 5.77 -0.34 10.48
N ALA B 177 4.98 -1.05 9.68
CA ALA B 177 3.92 -0.48 8.86
C ALA B 177 2.82 0.27 9.66
N ALA B 178 2.59 -0.11 10.90
CA ALA B 178 1.66 0.64 11.75
C ALA B 178 2.10 2.10 12.02
N MET B 179 3.40 2.37 11.99
CA MET B 179 3.91 3.74 12.17
C MET B 179 3.60 4.55 10.91
N ASN B 180 3.81 3.92 9.75
CA ASN B 180 3.53 4.55 8.45
C ASN B 180 2.01 4.85 8.35
N ALA B 181 1.20 3.89 8.80
CA ALA B 181 -0.25 4.03 8.84
C ALA B 181 -0.75 5.10 9.81
N ILE B 182 -0.24 5.09 11.04
CA ILE B 182 -0.54 6.13 12.01
C ILE B 182 -0.16 7.52 11.48
N ARG B 183 0.99 7.61 10.83
CA ARG B 183 1.46 8.88 10.29
C ARG B 183 0.50 9.37 9.24
N THR B 184 0.05 8.46 8.41
CA THR B 184 -0.92 8.78 7.36
C THR B 184 -2.27 9.26 7.91
N ALA B 185 -2.77 8.55 8.91
CA ALA B 185 -4.01 8.93 9.60
C ALA B 185 -3.88 10.28 10.31
N THR B 186 -2.71 10.52 10.89
CA THR B 186 -2.40 11.80 11.52
C THR B 186 -2.62 12.94 10.52
N ASN B 187 -2.10 12.76 9.31
CA ASN B 187 -2.21 13.78 8.25
C ASN B 187 -3.67 13.99 7.85
N TYR B 188 -4.47 12.93 7.83
CA TYR B 188 -5.89 13.04 7.49
C TYR B 188 -6.70 13.88 8.46
N VAL B 189 -6.64 13.50 9.73
CA VAL B 189 -7.46 14.11 10.75
C VAL B 189 -7.03 15.55 11.00
N ARG B 190 -5.75 15.87 10.85
CA ARG B 190 -5.32 17.26 11.02
C ARG B 190 -5.71 18.10 9.82
N ALA B 191 -5.73 17.49 8.64
CA ALA B 191 -6.26 18.15 7.43
C ALA B 191 -7.79 18.21 7.38
N HIS B 192 -8.46 17.30 8.09
CA HIS B 192 -9.93 17.30 8.19
C HIS B 192 -10.32 17.08 9.65
N PRO B 193 -10.13 18.12 10.49
CA PRO B 193 -10.30 18.04 11.95
C PRO B 193 -11.52 17.23 12.40
N SER B 194 -12.67 17.54 11.80
CA SER B 194 -13.97 16.97 12.18
C SER B 194 -14.08 15.46 12.00
N MET B 195 -13.33 14.90 11.06
CA MET B 195 -13.46 13.49 10.73
C MET B 195 -12.48 12.65 11.53
N LYS B 196 -12.76 11.36 11.62
CA LYS B 196 -11.84 10.37 12.22
C LYS B 196 -11.20 9.47 11.15
N ALA B 197 -10.06 8.89 11.49
CA ALA B 197 -9.38 7.90 10.66
C ALA B 197 -9.40 6.57 11.38
N LEU B 198 -9.64 5.50 10.65
CA LEU B 198 -9.63 4.18 11.21
C LEU B 198 -8.43 3.45 10.63
N VAL B 199 -7.57 2.92 11.47
CA VAL B 199 -6.43 2.14 11.00
C VAL B 199 -6.63 0.71 11.43
N VAL B 200 -6.44 -0.22 10.51
CA VAL B 200 -6.49 -1.63 10.81
C VAL B 200 -5.27 -2.31 10.22
N CYS B 201 -4.53 -3.02 11.08
CA CYS B 201 -3.43 -3.86 10.68
C CYS B 201 -3.84 -5.29 10.92
N ILE B 202 -3.55 -6.17 9.98
CA ILE B 202 -3.70 -7.60 10.21
C ILE B 202 -2.65 -8.38 9.47
N GLU B 203 -2.08 -9.38 10.14
CA GLU B 203 -1.07 -10.23 9.57
C GLU B 203 -1.35 -11.67 9.87
N LEU B 204 -1.44 -12.50 8.82
CA LEU B 204 -1.58 -13.96 8.98
C LEU B 204 -0.40 -14.68 8.36
N SER B 205 0.65 -14.78 9.14
CA SER B 205 1.85 -15.46 8.69
C SER B 205 1.55 -16.89 8.37
N SER B 206 0.69 -17.51 9.20
CA SER B 206 0.40 -18.95 9.14
C SER B 206 -0.02 -19.39 7.75
N VAL B 207 -0.79 -18.52 7.10
CA VAL B 207 -1.18 -18.63 5.69
C VAL B 207 -0.03 -18.85 4.71
N ASN B 208 1.14 -18.32 5.04
CA ASN B 208 2.31 -18.35 4.15
C ASN B 208 3.31 -19.41 4.51
N ALA B 209 2.90 -20.36 5.35
CA ALA B 209 3.80 -21.38 5.87
C ALA B 209 4.17 -22.42 4.82
N VAL B 210 5.40 -22.92 4.89
CA VAL B 210 5.94 -23.87 3.93
C VAL B 210 6.88 -24.87 4.64
N PHE B 211 7.51 -25.73 3.84
CA PHE B 211 8.62 -26.58 4.28
C PHE B 211 9.95 -25.87 3.99
N ALA B 212 10.95 -26.19 4.80
CA ALA B 212 12.21 -25.45 4.82
C ALA B 212 13.16 -25.79 3.68
N ASP B 213 13.26 -24.88 2.69
CA ASP B 213 14.30 -24.96 1.67
C ASP B 213 15.70 -24.61 2.26
N ASP B 214 15.75 -23.88 3.38
CA ASP B 214 17.02 -23.33 3.89
C ASP B 214 16.97 -22.97 5.38
N ILE B 215 18.11 -22.57 5.92
CA ILE B 215 18.21 -22.19 7.34
C ILE B 215 17.27 -21.04 7.65
N ASN B 216 17.24 -20.02 6.79
CA ASN B 216 16.37 -18.87 7.03
C ASN B 216 14.87 -19.26 7.10
N ASP B 217 14.47 -20.24 6.29
CA ASP B 217 13.11 -20.75 6.35
C ASP B 217 12.81 -21.25 7.76
N VAL B 218 13.74 -22.04 8.33
CA VAL B 218 13.50 -22.61 9.67
C VAL B 218 13.35 -21.51 10.72
N VAL B 219 14.20 -20.49 10.61
CA VAL B 219 14.22 -19.38 11.55
C VAL B 219 12.93 -18.56 11.48
N ILE B 220 12.54 -18.25 10.26
CA ILE B 220 11.36 -17.43 10.01
C ILE B 220 10.14 -18.14 10.57
N HIS B 221 10.06 -19.43 10.32
CA HIS B 221 8.86 -20.14 10.70
C HIS B 221 8.77 -20.37 12.21
N SER B 222 9.85 -20.13 12.95
CA SER B 222 9.82 -20.18 14.41
C SER B 222 9.36 -18.88 15.10
N LEU B 223 9.23 -17.79 14.35
CA LEU B 223 8.98 -16.49 14.98
C LEU B 223 7.62 -15.89 14.69
N PHE B 224 7.17 -16.01 13.44
CA PHE B 224 6.04 -15.22 12.97
C PHE B 224 4.74 -15.87 13.36
N GLY B 225 3.83 -15.06 13.89
CA GLY B 225 2.47 -15.48 14.20
C GLY B 225 1.42 -14.62 13.55
N ASP B 226 0.16 -14.83 13.95
CA ASP B 226 -0.98 -14.13 13.38
C ASP B 226 -1.57 -13.21 14.42
N GLY B 227 -2.28 -12.20 13.95
CA GLY B 227 -2.86 -11.15 14.80
C GLY B 227 -3.45 -10.03 13.96
N CYS B 228 -4.21 -9.14 14.59
CA CYS B 228 -4.72 -7.92 13.97
C CYS B 228 -4.87 -6.91 15.08
N GLY B 229 -4.89 -5.64 14.73
CA GLY B 229 -5.11 -4.58 15.70
C GLY B 229 -5.78 -3.46 14.97
N ALA B 230 -6.38 -2.53 15.69
CA ALA B 230 -7.17 -1.46 15.06
C ALA B 230 -7.11 -0.22 15.88
N LEU B 231 -7.19 0.93 15.23
CA LEU B 231 -7.05 2.20 15.94
C LEU B 231 -7.96 3.22 15.35
N VAL B 232 -8.63 3.98 16.20
CA VAL B 232 -9.40 5.10 15.73
C VAL B 232 -8.64 6.36 16.13
N ILE B 233 -8.39 7.21 15.15
CA ILE B 233 -7.64 8.42 15.40
C ILE B 233 -8.52 9.63 15.14
N GLY B 234 -8.38 10.64 15.97
CA GLY B 234 -9.13 11.87 15.82
C GLY B 234 -8.26 13.07 16.07
N ALA B 235 -8.75 14.24 15.67
CA ALA B 235 -8.03 15.49 15.90
C ALA B 235 -8.35 16.05 17.29
N SER B 236 -7.59 17.09 17.67
CA SER B 236 -7.85 17.82 18.90
C SER B 236 -7.16 19.18 18.88
N GLN B 237 -7.88 20.21 19.32
CA GLN B 237 -7.33 21.54 19.50
C GLN B 237 -6.36 21.42 20.69
N VAL B 238 -5.10 21.81 20.48
CA VAL B 238 -4.06 21.62 21.51
C VAL B 238 -4.38 22.46 22.76
N GLN B 239 -4.14 21.84 23.94
CA GLN B 239 -4.57 22.36 25.26
C GLN B 239 -6.09 22.21 25.52
N GLN B 240 -6.69 21.13 25.00
CA GLN B 240 -8.04 20.71 25.39
C GLN B 240 -7.90 19.67 26.50
N PRO B 241 -8.83 19.68 27.49
CA PRO B 241 -8.81 18.56 28.44
C PRO B 241 -9.27 17.28 27.74
N LEU B 242 -8.29 16.51 27.27
CA LEU B 242 -8.56 15.25 26.59
C LEU B 242 -9.05 14.19 27.56
N PRO B 243 -9.80 13.18 27.06
CA PRO B 243 -10.11 11.99 27.83
C PRO B 243 -8.89 11.26 28.37
N ALA B 244 -9.07 10.54 29.47
CA ALA B 244 -8.05 9.63 30.00
C ALA B 244 -8.07 8.37 29.13
N GLY B 245 -6.89 7.80 28.86
CA GLY B 245 -6.76 6.63 27.96
C GLY B 245 -6.39 7.01 26.54
N ASN B 246 -6.77 8.23 26.14
CA ASN B 246 -6.24 8.84 24.93
C ASN B 246 -4.70 8.77 24.94
N VAL B 247 -4.16 8.56 23.74
CA VAL B 247 -2.75 8.49 23.47
C VAL B 247 -2.48 9.61 22.49
N VAL B 248 -1.54 10.49 22.78
CA VAL B 248 -1.34 11.63 21.91
C VAL B 248 -0.14 11.43 21.02
N ILE B 249 -0.35 11.48 19.71
CA ILE B 249 0.74 11.27 18.78
C ILE B 249 1.50 12.57 18.79
N ARG B 250 2.59 12.59 19.55
CA ARG B 250 3.42 13.76 19.64
C ARG B 250 4.09 14.03 18.33
N SER B 251 4.87 13.04 17.85
CA SER B 251 5.61 13.14 16.60
C SER B 251 5.89 11.76 16.04
N SER B 252 6.18 11.68 14.74
CA SER B 252 6.54 10.40 14.12
C SER B 252 7.89 10.58 13.50
N PHE B 253 8.59 9.50 13.22
CA PHE B 253 9.90 9.65 12.61
C PHE B 253 10.32 8.45 11.81
N SER B 254 11.19 8.71 10.84
CA SER B 254 11.65 7.73 9.89
C SER B 254 13.13 7.97 9.64
N GLN B 255 13.88 6.89 9.38
CA GLN B 255 15.22 7.03 8.89
C GLN B 255 15.57 5.84 8.01
N LEU B 256 15.75 6.12 6.73
CA LEU B 256 16.25 5.13 5.78
C LEU B 256 17.78 5.04 5.89
N LEU B 257 18.27 3.83 6.15
CA LEU B 257 19.67 3.59 6.40
C LEU B 257 20.46 3.21 5.15
N ASP B 258 21.73 3.50 5.27
CA ASP B 258 22.70 3.15 4.29
C ASP B 258 23.20 1.77 4.57
N ASP B 259 23.71 1.12 3.54
CA ASP B 259 24.42 -0.16 3.65
C ASP B 259 23.65 -1.23 4.40
N SER B 260 22.33 -1.28 4.26
CA SER B 260 21.53 -2.30 4.94
C SER B 260 20.30 -2.68 4.14
N GLU B 261 20.46 -2.74 2.81
CA GLU B 261 19.38 -3.18 1.91
C GLU B 261 18.97 -4.60 2.23
N ASP B 262 19.97 -5.44 2.52
CA ASP B 262 19.77 -6.86 2.80
C ASP B 262 19.18 -7.21 4.17
N GLY B 263 18.95 -6.20 5.02
CA GLY B 263 18.53 -6.42 6.39
C GLY B 263 17.23 -7.17 6.53
N ILE B 264 16.18 -6.61 5.91
CA ILE B 264 14.88 -7.19 5.92
C ILE B 264 14.43 -7.19 4.49
N VAL B 265 14.10 -8.37 3.98
CA VAL B 265 13.68 -8.54 2.60
C VAL B 265 12.34 -9.24 2.54
N LEU B 266 11.42 -8.71 1.74
CA LEU B 266 10.13 -9.32 1.58
C LEU B 266 9.93 -9.69 0.14
N GLY B 267 9.42 -10.90 -0.07
CA GLY B 267 9.21 -11.42 -1.41
C GLY B 267 7.95 -12.23 -1.57
N VAL B 268 7.58 -12.42 -2.82
CA VAL B 268 6.46 -13.25 -3.16
C VAL B 268 6.95 -14.43 -3.96
N ASN B 269 6.92 -15.61 -3.32
CA ASN B 269 7.23 -16.87 -4.02
C ASN B 269 5.98 -17.58 -4.50
N HIS B 270 6.21 -18.53 -5.40
CA HIS B 270 5.16 -19.37 -5.92
C HIS B 270 4.36 -20.14 -4.88
N ASP B 271 4.96 -20.36 -3.71
CA ASP B 271 4.30 -21.10 -2.63
C ASP B 271 4.19 -20.28 -1.33
N GLY B 272 4.21 -18.96 -1.43
CA GLY B 272 3.97 -18.10 -0.28
C GLY B 272 4.80 -16.85 -0.27
N ILE B 273 4.37 -15.90 0.55
CA ILE B 273 5.14 -14.71 0.81
C ILE B 273 6.22 -15.07 1.81
N THR B 274 7.45 -14.58 1.60
CA THR B 274 8.54 -14.71 2.58
C THR B 274 9.15 -13.40 2.98
N CYS B 275 9.82 -13.50 4.12
CA CYS B 275 10.64 -12.47 4.70
C CYS B 275 11.99 -13.13 4.89
N GLU B 276 13.05 -12.52 4.35
CA GLU B 276 14.43 -13.05 4.47
C GLU B 276 15.24 -12.04 5.29
N LEU B 277 15.74 -12.49 6.44
CA LEU B 277 16.50 -11.62 7.34
C LEU B 277 17.99 -11.81 7.22
N SER B 278 18.73 -10.74 7.35
CA SER B 278 20.18 -10.79 7.35
C SER B 278 20.68 -11.16 8.72
N GLU B 279 21.73 -11.98 8.75
CA GLU B 279 22.55 -12.22 9.94
C GLU B 279 23.04 -10.92 10.56
N ASN B 280 23.23 -9.88 9.75
CA ASN B 280 23.75 -8.60 10.22
C ASN B 280 22.68 -7.64 10.74
N LEU B 281 21.42 -8.04 10.65
CA LEU B 281 20.35 -7.18 11.05
C LEU B 281 20.52 -6.71 12.49
N PRO B 282 20.85 -7.63 13.39
CA PRO B 282 21.04 -7.16 14.76
C PRO B 282 22.08 -6.03 14.89
N SER B 283 23.22 -6.15 14.21
CA SER B 283 24.23 -5.07 14.24
C SER B 283 23.76 -3.84 13.48
N TYR B 284 23.03 -4.00 12.37
CA TYR B 284 22.37 -2.83 11.73
C TYR B 284 21.52 -2.04 12.73
N ILE B 285 20.69 -2.77 13.47
CA ILE B 285 19.85 -2.21 14.52
C ILE B 285 20.68 -1.60 15.65
N TYR B 286 21.66 -2.35 16.13
CA TYR B 286 22.58 -1.84 17.14
C TYR B 286 23.19 -0.48 16.74
N ARG B 287 23.70 -0.38 15.52
CA ARG B 287 24.39 0.84 15.09
C ARG B 287 23.44 2.00 14.79
N SER B 288 22.18 1.73 14.50
CA SER B 288 21.24 2.76 14.06
C SER B 288 20.21 3.26 15.05
N VAL B 289 19.81 2.45 16.02
CA VAL B 289 18.74 2.85 16.92
C VAL B 289 19.06 4.13 17.69
N ASP B 290 20.16 4.13 18.43
CA ASP B 290 20.45 5.28 19.29
C ASP B 290 20.50 6.61 18.54
N PRO B 291 21.35 6.72 17.49
CA PRO B 291 21.45 8.04 16.84
C PRO B 291 20.12 8.55 16.26
N VAL B 292 19.31 7.63 15.80
CA VAL B 292 18.02 8.01 15.23
C VAL B 292 17.09 8.50 16.33
N VAL B 293 16.99 7.72 17.40
CA VAL B 293 16.13 8.02 18.54
C VAL B 293 16.62 9.29 19.25
N ALA B 294 17.92 9.39 19.41
CA ALA B 294 18.58 10.59 19.94
C ALA B 294 18.19 11.84 19.17
N GLU B 295 18.33 11.78 17.85
CA GLU B 295 18.04 12.93 17.01
C GLU B 295 16.59 13.33 17.15
N MET B 296 15.72 12.35 17.26
CA MET B 296 14.30 12.62 17.44
C MET B 296 14.03 13.37 18.73
N LEU B 297 14.61 12.86 19.81
CA LEU B 297 14.51 13.50 21.13
C LEU B 297 15.09 14.91 21.13
N ARG B 298 16.24 15.07 20.50
CA ARG B 298 16.84 16.38 20.25
C ARG B 298 15.88 17.36 19.58
N ASP B 299 15.25 16.94 18.49
CA ASP B 299 14.26 17.75 17.77
C ASP B 299 12.95 17.92 18.53
N ASN B 300 12.72 17.08 19.53
CA ASN B 300 11.59 17.24 20.43
C ASN B 300 11.99 17.85 21.78
N GLY B 301 13.28 18.02 22.03
CA GLY B 301 13.76 18.68 23.26
C GLY B 301 13.53 17.85 24.51
N LEU B 302 13.99 16.61 24.48
CA LEU B 302 13.78 15.65 25.57
C LEU B 302 15.00 14.76 25.69
N SER B 303 14.96 13.87 26.67
CA SER B 303 16.03 12.92 26.83
C SER B 303 15.44 11.59 27.18
N LYS B 304 16.27 10.55 27.03
CA LYS B 304 15.94 9.20 27.46
C LYS B 304 15.34 9.19 28.88
N ALA B 305 15.80 10.13 29.71
CA ALA B 305 15.25 10.42 31.04
C ALA B 305 13.75 10.71 31.06
N ASP B 306 13.29 11.52 30.11
CA ASP B 306 11.88 11.87 30.00
C ASP B 306 11.00 10.69 29.47
N ILE B 307 11.62 9.68 28.87
CA ILE B 307 10.87 8.55 28.30
C ILE B 307 10.57 7.55 29.38
N ASP B 308 9.29 7.40 29.70
CA ASP B 308 8.84 6.40 30.66
C ASP B 308 8.61 5.05 30.01
N LEU B 309 8.28 5.02 28.71
CA LEU B 309 7.92 3.78 28.05
C LEU B 309 8.67 3.52 26.75
N TRP B 310 9.15 2.29 26.58
CA TRP B 310 9.85 1.89 25.36
C TRP B 310 9.10 0.76 24.72
N ALA B 311 8.37 1.10 23.67
CA ALA B 311 7.58 0.15 22.90
C ALA B 311 8.45 -0.30 21.73
N ILE B 312 9.40 -1.17 22.03
CA ILE B 312 10.30 -1.70 21.02
C ILE B 312 9.53 -2.77 20.33
N HIS B 313 9.48 -2.75 19.01
CA HIS B 313 8.78 -3.78 18.29
C HIS B 313 9.29 -5.16 18.70
N PRO B 314 8.41 -6.07 19.16
CA PRO B 314 8.89 -7.38 19.51
C PRO B 314 9.06 -8.31 18.33
N GLY B 315 10.05 -8.03 17.50
CA GLY B 315 10.32 -8.85 16.32
C GLY B 315 11.00 -10.17 16.63
N GLY B 316 11.65 -10.24 17.78
CA GLY B 316 12.51 -11.36 18.13
C GLY B 316 13.42 -10.94 19.27
N PRO B 317 14.11 -11.90 19.89
CA PRO B 317 14.95 -11.53 21.04
C PRO B 317 16.14 -10.64 20.66
N LYS B 318 16.86 -10.97 19.59
CA LYS B 318 17.95 -10.09 19.14
C LYS B 318 17.45 -8.66 18.83
N ILE B 319 16.24 -8.53 18.24
CA ILE B 319 15.68 -7.22 17.89
C ILE B 319 15.45 -6.33 19.09
N ILE B 320 14.90 -6.91 20.15
CA ILE B 320 14.69 -6.17 21.37
C ILE B 320 16.04 -5.90 22.08
N GLU B 321 16.83 -6.94 22.19
CA GLU B 321 18.10 -6.92 22.90
C GLU B 321 18.98 -5.82 22.28
N GLN B 322 19.16 -5.89 20.99
CA GLN B 322 20.01 -4.96 20.29
C GLN B 322 19.46 -3.54 20.25
N SER B 323 18.16 -3.38 20.16
CA SER B 323 17.55 -2.05 20.29
C SER B 323 17.92 -1.49 21.65
N ALA B 324 17.77 -2.32 22.67
CA ALA B 324 17.92 -1.86 24.04
C ALA B 324 19.38 -1.54 24.36
N ARG B 325 20.27 -2.38 23.85
CA ARG B 325 21.69 -2.15 24.06
C ARG B 325 22.22 -1.04 23.18
N SER B 326 21.51 -0.66 22.12
CA SER B 326 21.89 0.53 21.34
C SER B 326 21.54 1.75 22.14
N LEU B 327 20.32 1.78 22.62
CA LEU B 327 19.91 2.83 23.54
C LEU B 327 20.65 2.55 24.80
N GLY B 328 20.51 3.41 25.78
CA GLY B 328 21.25 3.14 27.03
C GLY B 328 20.54 2.16 27.96
N ILE B 329 19.57 1.36 27.50
CA ILE B 329 18.60 0.74 28.46
C ILE B 329 18.75 -0.76 28.80
N PRO B 330 18.42 -1.13 30.04
CA PRO B 330 18.42 -2.53 30.39
C PRO B 330 17.52 -3.30 29.45
N VAL B 331 18.02 -4.42 28.93
CA VAL B 331 17.27 -5.25 27.97
C VAL B 331 15.81 -5.49 28.35
N GLY B 332 15.60 -5.91 29.58
CA GLY B 332 14.30 -6.27 30.08
C GLY B 332 13.41 -5.11 30.44
N ARG B 333 13.90 -3.88 30.30
CA ARG B 333 13.06 -2.69 30.53
C ARG B 333 11.79 -2.68 29.66
N ALA B 334 11.91 -3.00 28.38
CA ALA B 334 10.73 -2.98 27.51
C ALA B 334 9.83 -4.21 27.76
N VAL B 335 9.13 -4.18 28.87
CA VAL B 335 8.55 -5.41 29.40
C VAL B 335 7.35 -5.88 28.58
N GLN B 336 6.55 -4.93 28.12
CA GLN B 336 5.49 -5.22 27.15
C GLN B 336 5.99 -5.88 25.86
N SER B 337 7.15 -5.45 25.35
CA SER B 337 7.69 -6.07 24.15
C SER B 337 7.98 -7.55 24.37
N TRP B 338 8.70 -7.86 25.45
CA TRP B 338 8.98 -9.26 25.81
C TRP B 338 7.72 -10.04 26.07
N ASP B 339 6.76 -9.41 26.75
CA ASP B 339 5.48 -10.05 27.06
C ASP B 339 4.77 -10.48 25.78
N VAL B 340 4.77 -9.61 24.78
CA VAL B 340 4.00 -9.83 23.55
C VAL B 340 4.67 -10.88 22.71
N LEU B 341 5.99 -10.81 22.65
CA LEU B 341 6.76 -11.83 21.98
C LEU B 341 6.50 -13.19 22.61
N ALA B 342 6.55 -13.26 23.94
CA ALA B 342 6.30 -14.52 24.64
C ALA B 342 4.91 -15.12 24.32
N GLN B 343 3.87 -14.29 24.27
CA GLN B 343 2.48 -14.74 24.10
C GLN B 343 2.06 -14.91 22.64
N PHE B 344 2.60 -14.09 21.76
CA PHE B 344 2.12 -14.03 20.38
C PHE B 344 3.16 -14.24 19.29
N GLY B 345 4.44 -14.01 19.60
CA GLY B 345 5.49 -13.97 18.62
C GLY B 345 5.51 -12.62 17.92
N ASN B 346 5.96 -12.69 16.68
CA ASN B 346 6.04 -11.51 15.87
C ASN B 346 4.83 -11.45 14.98
N MET B 347 4.00 -10.43 15.17
CA MET B 347 2.82 -10.22 14.33
C MET B 347 3.05 -9.00 13.42
N LEU B 348 4.29 -8.87 12.96
CA LEU B 348 4.70 -7.76 12.19
C LEU B 348 4.08 -6.38 12.62
N SER B 349 3.26 -5.78 11.75
CA SER B 349 2.73 -4.43 11.95
C SER B 349 1.85 -4.36 13.19
N VAL B 350 1.29 -5.50 13.53
CA VAL B 350 0.29 -5.60 14.59
C VAL B 350 0.94 -5.52 15.97
N SER B 351 2.08 -6.14 16.14
CA SER B 351 2.71 -6.24 17.45
C SER B 351 2.70 -4.94 18.26
N LEU B 352 3.06 -3.84 17.64
CA LEU B 352 3.17 -2.57 18.36
C LEU B 352 1.84 -2.04 18.84
N ILE B 353 0.75 -2.45 18.19
CA ILE B 353 -0.60 -2.15 18.66
C ILE B 353 -0.87 -2.92 19.96
N PHE B 354 -0.50 -4.19 20.01
CA PHE B 354 -0.61 -4.98 21.23
C PHE B 354 0.18 -4.31 22.36
N VAL B 355 1.46 -4.00 22.07
CA VAL B 355 2.35 -3.37 23.03
C VAL B 355 1.67 -2.12 23.57
N LEU B 356 1.13 -1.29 22.70
CA LEU B 356 0.49 -0.05 23.13
C LEU B 356 -0.77 -0.29 23.95
N GLU B 357 -1.55 -1.31 23.62
CA GLU B 357 -2.77 -1.60 24.37
C GLU B 357 -2.44 -2.05 25.80
N MET B 358 -1.40 -2.85 25.92
CA MET B 358 -0.93 -3.27 27.24
C MET B 358 -0.50 -2.08 28.05
N MET B 359 0.30 -1.21 27.44
CA MET B 359 0.76 0.02 28.06
C MET B 359 -0.41 0.89 28.52
N VAL B 360 -1.45 1.03 27.71
CA VAL B 360 -2.63 1.76 28.17
C VAL B 360 -3.28 1.07 29.36
N ALA B 361 -3.34 -0.26 29.31
CA ALA B 361 -3.92 -1.01 30.41
C ALA B 361 -3.16 -0.76 31.73
N GLN B 362 -1.86 -1.05 31.73
CA GLN B 362 -1.03 -0.87 32.93
C GLN B 362 -0.75 0.63 33.12
N ALA B 363 -1.53 1.32 33.92
CA ALA B 363 -1.19 2.66 34.41
C ALA B 363 -0.09 2.53 35.52
N GLU B 364 1.17 2.49 35.06
CA GLU B 364 2.35 2.13 35.88
C GLU B 364 3.00 3.30 36.62
N SER B 365 2.37 4.47 36.60
CA SER B 365 2.95 5.66 37.21
C SER B 365 1.88 6.52 37.86
N ASP B 366 2.33 7.37 38.79
CA ASP B 366 1.49 8.41 39.42
C ASP B 366 1.53 9.72 38.61
N LYS B 367 2.33 9.77 37.53
CA LYS B 367 2.36 10.95 36.67
C LYS B 367 1.04 11.05 35.88
N PRO B 368 0.68 12.27 35.46
CA PRO B 368 -0.53 12.46 34.64
C PRO B 368 -0.37 11.91 33.20
N ILE B 369 0.78 12.16 32.58
CA ILE B 369 1.10 11.64 31.25
C ILE B 369 2.32 10.72 31.34
N SER B 370 2.12 9.41 31.19
CA SER B 370 3.25 8.48 31.02
C SER B 370 3.64 8.56 29.54
N THR B 371 4.86 9.01 29.23
CA THR B 371 5.25 9.18 27.84
C THR B 371 6.26 8.13 27.39
N GLY B 372 6.18 7.75 26.12
CA GLY B 372 6.98 6.68 25.59
C GLY B 372 7.41 6.89 24.15
N VAL B 373 8.22 5.94 23.69
CA VAL B 373 8.64 5.90 22.32
C VAL B 373 8.42 4.50 21.76
N ALA B 374 7.78 4.44 20.60
CA ALA B 374 7.70 3.22 19.85
C ALA B 374 8.55 3.33 18.61
N PHE B 375 9.17 2.22 18.23
CA PHE B 375 9.81 2.08 16.95
C PHE B 375 9.87 0.65 16.50
N ALA B 376 10.16 0.48 15.23
CA ALA B 376 10.24 -0.82 14.59
C ALA B 376 11.15 -0.71 13.35
N PHE B 377 11.37 -1.84 12.70
CA PHE B 377 12.25 -1.86 11.54
C PHE B 377 11.58 -2.42 10.34
N ALA B 378 11.93 -1.81 9.22
CA ALA B 378 11.28 -2.07 7.94
C ALA B 378 12.36 -2.39 6.95
N PRO B 379 11.98 -3.08 5.84
CA PRO B 379 12.95 -3.22 4.72
C PRO B 379 13.55 -1.86 4.35
N GLY B 380 14.86 -1.83 4.11
CA GLY B 380 15.55 -0.59 3.75
C GLY B 380 17.02 -0.68 4.03
N VAL B 381 17.46 -0.77 5.29
CA VAL B 381 16.58 -0.80 6.47
C VAL B 381 16.08 0.60 6.82
N THR B 382 14.82 0.68 7.22
CA THR B 382 14.24 1.88 7.75
C THR B 382 13.83 1.66 9.20
N VAL B 383 14.19 2.63 10.04
CA VAL B 383 13.72 2.75 11.40
C VAL B 383 12.51 3.68 11.31
N GLU B 384 11.35 3.20 11.72
CA GLU B 384 10.14 4.00 11.79
C GLU B 384 9.70 4.04 13.25
N GLY B 385 9.18 5.16 13.71
CA GLY B 385 8.68 5.19 15.08
C GLY B 385 7.84 6.40 15.44
N MET B 386 7.48 6.52 16.72
CA MET B 386 6.80 7.72 17.19
C MET B 386 6.95 7.98 18.67
N LEU B 387 6.82 9.24 19.04
CA LEU B 387 6.84 9.67 20.43
C LEU B 387 5.41 9.93 20.79
N PHE B 388 5.02 9.50 21.97
CA PHE B 388 3.64 9.65 22.41
C PHE B 388 3.53 9.80 23.92
N ASP B 389 2.49 10.48 24.37
CA ASP B 389 2.20 10.57 25.79
C ASP B 389 0.89 9.83 25.97
N ILE B 390 0.82 8.85 26.85
CA ILE B 390 -0.46 8.29 27.22
C ILE B 390 -1.11 9.21 28.25
N ILE B 391 -2.35 9.66 28.03
CA ILE B 391 -3.04 10.41 29.05
C ILE B 391 -3.62 9.43 30.05
N ARG B 392 -2.95 9.31 31.20
CA ARG B 392 -3.19 8.22 32.18
C ARG B 392 -4.64 7.75 32.40
C1 MYR C . 1.05 -9.85 -25.57
O1 MYR C . 0.30 -9.32 -26.43
O2 MYR C . 1.02 -11.06 -25.28
C2 MYR C . 2.06 -8.97 -24.86
C3 MYR C . 1.82 -8.92 -23.35
C4 MYR C . 1.34 -7.54 -22.89
C5 MYR C . 1.31 -7.40 -21.38
C6 MYR C . -0.01 -7.89 -20.83
C7 MYR C . -0.07 -7.90 -19.32
C8 MYR C . -0.71 -9.19 -18.78
C9 MYR C . -0.79 -9.30 -17.26
C10 MYR C . -1.13 -7.97 -16.61
C11 MYR C . -1.55 -8.11 -15.15
C12 MYR C . -2.10 -6.77 -14.67
C13 MYR C . -2.21 -6.77 -13.16
C14 MYR C . -2.79 -5.47 -12.67
C1 PGE D . -23.73 -0.52 -9.77
O1 PGE D . -23.90 -1.91 -9.48
C2 PGE D . -24.88 0.30 -9.17
O2 PGE D . -24.38 1.54 -8.69
C3 PGE D . -25.38 2.52 -8.38
C4 PGE D . -24.69 3.85 -8.05
O4 PGE D . -24.30 7.60 -5.46
C6 PGE D . -24.94 6.33 -5.34
C5 PGE D . -24.20 5.28 -6.18
O3 PGE D . -25.12 4.36 -6.78
C ACT E . -24.97 -0.81 -20.09
O ACT E . -25.78 -1.48 -19.40
OXT ACT E . -23.73 -1.05 -20.17
CH3 ACT E . -25.50 0.36 -20.87
C1 MYR F . 5.22 -24.18 11.90
O1 MYR F . 4.80 -24.84 12.88
O2 MYR F . 5.57 -24.69 10.80
C2 MYR F . 5.35 -22.70 12.05
C3 MYR F . 4.53 -21.93 11.02
C4 MYR F . 4.32 -20.50 11.51
C5 MYR F . 4.06 -19.52 10.38
C6 MYR F . 5.35 -19.03 9.74
C7 MYR F . 5.10 -18.48 8.35
C8 MYR F . 6.43 -18.15 7.72
C9 MYR F . 6.30 -17.31 6.47
C10 MYR F . 5.70 -15.96 6.84
C11 MYR F . 6.06 -14.89 5.86
C12 MYR F . 5.87 -13.54 6.50
C13 MYR F . 5.97 -12.50 5.42
C14 MYR F . 6.16 -11.13 6.02
C1 PGE G . 21.89 8.95 11.86
O1 PGE G . 20.65 9.53 12.28
C2 PGE G . 21.66 7.55 11.30
O2 PGE G . 22.84 6.74 11.46
C3 PGE G . 22.54 5.37 11.24
C4 PGE G . 23.78 4.50 11.07
O4 PGE G . 24.05 0.08 9.12
C6 PGE G . 23.18 1.04 9.73
C5 PGE G . 23.88 2.41 9.81
O3 PGE G . 23.40 3.11 10.96
C ACT H . 26.24 -5.96 17.50
O ACT H . 27.16 -5.78 16.64
OXT ACT H . 25.18 -6.59 17.27
CH3 ACT H . 26.45 -5.39 18.87
C ACT I . 12.55 -10.39 30.10
O ACT I . 11.83 -9.48 30.59
OXT ACT I . 12.10 -11.53 29.87
CH3 ACT I . 14.00 -10.14 29.77
#